data_8TUZ
#
_entry.id   8TUZ
#
_cell.length_a   42.847
_cell.length_b   124.501
_cell.length_c   144.349
_cell.angle_alpha   90.00
_cell.angle_beta   90.00
_cell.angle_gamma   90.00
#
_symmetry.space_group_name_H-M   'P 21 21 21'
#
loop_
_entity.id
_entity.type
_entity.pdbx_description
1 polymer 'Heavy chain of human monoclonal antibody 857-2'
2 polymer 'Light chain of human monoclonal antibody 857-2'
3 polymer 'Outer surface protein A'
4 non-polymer 1,2-ETHANEDIOL
5 non-polymer 'CHLORIDE ION'
6 water water
#
loop_
_entity_poly.entity_id
_entity_poly.type
_entity_poly.pdbx_seq_one_letter_code
_entity_poly.pdbx_strand_id
1 'polypeptide(L)'
;EVQLVQSGEEVKKPGESLKISCKGSGYKFSSYWIGWVRQMPGKGLEWMGIIFPGDSDKRYSPSFQGQVTISADKSISTVY
LQWSSLKASDTAMYYCARHITTHTYRGFFDFWGQGTLVTVSSASTKGPSVFPLAPSSKSTSGGTAALGCLVKDYFPEPVT
VSWNSGALTSGVHTFPAVLQSSGLYSLSSVVTVPSSSLGTQTYICNVNHKPSNTKVDKRVEPK
;
H
2 'polypeptide(L)'
;QLTQSPSSLSASVGDRVTITCRASQDISSALAWYQQKPGKAPKLLIYDVSSLESGVPSRFSGSGSGTDFTLTISSLQPED
FATYYCQQFNGYPHRLTFGGGTKVEIKRTVAAPSVFIFPPSDEQLKSGTASVVCLLNNFYPREAKVQWKVDNALQSGNSQ
ESVTEQDSKDSTYSLSSTLTLSKADYEKHKVYACEVTHQGLSSPVTKSFNRGE
;
L
3 'polypeptide(L)'
;SLDEKNSVSVDLPGEMKVLVSKEKNKDGKYDLIATVDKLELKGTSDKNNGSGVLEGVKADKSKVKLTISDDLGQTTLEVF
KEDGKTLVSKKVTSKDKSSTEEKFNEKGEVSEKIITRADGTRLEYTGIKSDGSGKAKEVLKGYVLEGTLTAEKTTLVVKE
GTVTLSKNISKSGEVSVELNDTDSSAATKKTAAWNSGTSTLTITVNSKKTKDLVFTKENTITVQQYDSNGTKLEGSAVEI
TKLDEIKNALK
;
A
#
loop_
_chem_comp.id
_chem_comp.type
_chem_comp.name
_chem_comp.formula
CL non-polymer 'CHLORIDE ION' 'Cl -1'
EDO non-polymer 1,2-ETHANEDIOL 'C2 H6 O2'
#
# COMPACT_ATOMS: atom_id res chain seq x y z
N GLU A 1 6.07 -9.52 -19.20
CA GLU A 1 6.41 -8.43 -20.10
C GLU A 1 6.01 -7.10 -19.50
N VAL A 2 5.05 -7.15 -18.57
CA VAL A 2 4.50 -5.93 -18.00
C VAL A 2 5.62 -4.97 -17.62
N GLN A 3 5.60 -3.78 -18.20
CA GLN A 3 6.68 -2.82 -18.00
C GLN A 3 6.10 -1.41 -18.02
N LEU A 4 6.38 -0.62 -16.99
CA LEU A 4 6.02 0.79 -16.98
C LEU A 4 7.30 1.62 -17.06
N VAL A 5 7.40 2.44 -18.09
CA VAL A 5 8.60 3.23 -18.37
C VAL A 5 8.22 4.69 -18.17
N GLN A 6 8.84 5.33 -17.18
CA GLN A 6 8.59 6.71 -16.86
C GLN A 6 9.59 7.62 -17.58
N SER A 7 9.20 8.88 -17.74
CA SER A 7 10.06 9.89 -18.35
C SER A 7 11.17 10.27 -17.38
N GLY A 8 12.18 10.97 -17.90
CA GLY A 8 13.43 11.13 -17.20
C GLY A 8 13.43 12.24 -16.16
N GLU A 9 14.60 12.39 -15.55
CA GLU A 9 14.79 13.30 -14.43
C GLU A 9 14.51 14.74 -14.83
N GLU A 10 13.94 15.50 -13.88
CA GLU A 10 13.55 16.89 -14.08
C GLU A 10 14.19 17.76 -13.00
N VAL A 11 14.77 18.87 -13.42
CA VAL A 11 15.20 19.93 -12.51
C VAL A 11 14.52 21.23 -12.95
N LYS A 12 13.66 21.78 -12.11
CA LYS A 12 12.86 22.91 -12.49
C LYS A 12 12.97 23.99 -11.43
N LYS A 13 12.50 25.17 -11.78
CA LYS A 13 12.42 26.27 -10.83
C LYS A 13 10.99 26.43 -10.33
N PRO A 14 10.79 27.01 -9.15
CA PRO A 14 9.42 27.19 -8.64
C PRO A 14 8.58 28.04 -9.58
N GLY A 15 7.29 27.70 -9.66
CA GLY A 15 6.35 28.41 -10.51
C GLY A 15 6.31 27.94 -11.96
N GLU A 16 7.23 27.07 -12.36
CA GLU A 16 7.18 26.49 -13.70
C GLU A 16 6.17 25.35 -13.72
N SER A 17 5.63 25.09 -14.91
CA SER A 17 4.73 23.96 -15.10
C SER A 17 5.54 22.70 -15.44
N LEU A 18 4.94 21.54 -15.21
CA LEU A 18 5.61 20.29 -15.49
C LEU A 18 4.58 19.20 -15.73
N LYS A 19 4.84 18.37 -16.74
CA LYS A 19 4.07 17.16 -17.01
C LYS A 19 5.05 16.02 -17.22
N ILE A 20 4.90 14.96 -16.42
CA ILE A 20 5.74 13.78 -16.58
C ILE A 20 4.84 12.64 -17.04
N SER A 21 5.45 11.63 -17.63
CA SER A 21 4.66 10.59 -18.28
C SER A 21 5.14 9.21 -17.87
N CYS A 22 4.31 8.24 -18.19
CA CYS A 22 4.54 6.82 -17.90
C CYS A 22 3.87 6.03 -19.02
N LYS A 23 4.63 5.17 -19.67
CA LYS A 23 4.16 4.35 -20.78
C LYS A 23 4.19 2.89 -20.36
N GLY A 24 3.08 2.18 -20.56
CA GLY A 24 2.97 0.80 -20.19
C GLY A 24 3.11 -0.11 -21.40
N SER A 25 3.42 -1.37 -21.13
CA SER A 25 3.70 -2.36 -22.17
C SER A 25 3.47 -3.73 -21.58
N GLY A 26 3.14 -4.69 -22.44
CA GLY A 26 2.96 -6.05 -21.98
C GLY A 26 1.64 -6.37 -21.34
N TYR A 27 0.65 -5.48 -21.44
CA TYR A 27 -0.71 -5.78 -20.99
C TYR A 27 -1.67 -4.82 -21.68
N LYS A 28 -2.96 -5.12 -21.57
CA LYS A 28 -3.98 -4.28 -22.20
C LYS A 28 -4.08 -2.99 -21.42
N PHE A 29 -3.35 -1.97 -21.87
CA PHE A 29 -3.20 -0.74 -21.09
C PHE A 29 -4.54 -0.12 -20.73
N SER A 30 -5.48 -0.11 -21.67
CA SER A 30 -6.73 0.58 -21.39
C SER A 30 -7.65 -0.20 -20.45
N SER A 31 -7.23 -1.35 -19.92
CA SER A 31 -8.11 -2.17 -19.10
C SER A 31 -7.71 -2.23 -17.63
N TYR A 32 -6.76 -1.40 -17.18
CA TYR A 32 -6.32 -1.44 -15.79
C TYR A 32 -6.22 -0.04 -15.23
N TRP A 33 -6.64 0.11 -13.97
CA TRP A 33 -6.34 1.34 -13.25
C TRP A 33 -4.85 1.54 -13.18
N ILE A 34 -4.40 2.78 -13.36
CA ILE A 34 -2.99 3.12 -13.23
C ILE A 34 -2.92 4.40 -12.42
N GLY A 35 -1.82 4.56 -11.67
CA GLY A 35 -1.81 5.62 -10.68
C GLY A 35 -0.43 6.13 -10.36
N TRP A 36 -0.38 7.16 -9.51
CA TRP A 36 0.84 7.88 -9.18
C TRP A 36 1.03 7.94 -7.65
N VAL A 37 2.29 7.80 -7.23
CA VAL A 37 2.65 7.72 -5.81
C VAL A 37 3.90 8.58 -5.61
N ARG A 38 3.90 9.39 -4.56
CA ARG A 38 4.99 10.32 -4.27
C ARG A 38 5.84 9.76 -3.13
N GLN A 39 7.16 9.92 -3.26
CA GLN A 39 8.09 9.61 -2.17
C GLN A 39 9.02 10.79 -2.00
N MET A 40 8.80 11.55 -0.95
CA MET A 40 9.65 12.68 -0.67
C MET A 40 10.97 12.22 -0.05
N PRO A 41 12.05 13.02 -0.21
CA PRO A 41 13.39 12.56 0.19
C PRO A 41 13.43 12.03 1.62
N GLY A 42 13.83 10.77 1.79
CA GLY A 42 13.92 10.19 3.12
C GLY A 42 12.60 9.85 3.79
N LYS A 43 11.49 9.90 3.09
CA LYS A 43 10.19 9.70 3.70
C LYS A 43 9.51 8.45 3.11
N GLY A 44 8.25 8.24 3.49
CA GLY A 44 7.47 7.13 3.00
C GLY A 44 6.76 7.40 1.69
N LEU A 45 5.72 6.62 1.44
CA LEU A 45 4.98 6.62 0.19
C LEU A 45 3.62 7.24 0.41
N GLU A 46 3.16 8.02 -0.57
CA GLU A 46 1.85 8.67 -0.51
C GLU A 46 1.17 8.53 -1.87
N TRP A 47 -0.05 7.98 -1.86
CA TRP A 47 -0.85 7.89 -3.08
C TRP A 47 -1.33 9.26 -3.53
N MET A 48 -1.35 9.49 -4.84
CA MET A 48 -1.81 10.77 -5.41
C MET A 48 -3.13 10.65 -6.15
N GLY A 49 -3.28 9.67 -7.03
CA GLY A 49 -4.52 9.45 -7.74
C GLY A 49 -4.37 8.29 -8.68
N ILE A 50 -5.51 7.81 -9.20
CA ILE A 50 -5.52 6.75 -10.20
C ILE A 50 -6.42 7.19 -11.35
N ILE A 51 -6.16 6.61 -12.53
CA ILE A 51 -7.00 6.86 -13.69
C ILE A 51 -7.27 5.52 -14.39
N PHE A 52 -8.46 5.39 -14.98
CA PHE A 52 -8.74 4.25 -15.84
C PHE A 52 -8.58 4.71 -17.29
N PRO A 53 -7.53 4.29 -18.01
CA PRO A 53 -7.29 4.82 -19.36
C PRO A 53 -8.43 4.57 -20.32
N GLY A 54 -9.20 3.51 -20.13
CA GLY A 54 -10.25 3.16 -21.08
C GLY A 54 -11.25 4.27 -21.28
N ASP A 55 -11.60 4.99 -20.21
CA ASP A 55 -12.56 6.08 -20.31
C ASP A 55 -12.15 7.32 -19.53
N SER A 56 -10.91 7.39 -19.03
CA SER A 56 -10.40 8.53 -18.27
C SER A 56 -11.18 8.79 -16.98
N ASP A 57 -11.72 7.73 -16.36
CA ASP A 57 -12.29 7.84 -15.03
C ASP A 57 -11.17 8.04 -14.00
N LYS A 58 -11.35 9.00 -13.09
CA LYS A 58 -10.29 9.45 -12.20
C LYS A 58 -10.74 9.41 -10.76
N ARG A 59 -9.86 8.94 -9.88
CA ARG A 59 -10.07 9.00 -8.44
C ARG A 59 -8.80 9.58 -7.82
N TYR A 60 -8.91 10.77 -7.23
CA TYR A 60 -7.78 11.45 -6.62
C TYR A 60 -7.77 11.18 -5.14
N SER A 61 -6.56 11.11 -4.59
CA SER A 61 -6.46 11.17 -3.15
C SER A 61 -7.01 12.53 -2.69
N PRO A 62 -7.82 12.56 -1.64
CA PRO A 62 -7.96 13.81 -0.90
C PRO A 62 -6.57 14.20 -0.43
N SER A 63 -6.33 15.49 -0.32
CA SER A 63 -5.03 16.09 -0.03
C SER A 63 -4.14 16.19 -1.26
N PHE A 64 -4.53 15.62 -2.41
CA PHE A 64 -3.90 15.97 -3.67
C PHE A 64 -4.87 16.50 -4.71
N GLN A 65 -6.18 16.29 -4.53
CA GLN A 65 -7.17 16.82 -5.47
C GLN A 65 -7.08 18.33 -5.55
N GLY A 66 -7.06 18.86 -6.77
CA GLY A 66 -6.90 20.28 -7.01
C GLY A 66 -5.47 20.78 -6.97
N GLN A 67 -4.52 19.93 -6.58
CA GLN A 67 -3.09 20.24 -6.63
C GLN A 67 -2.40 19.73 -7.90
N VAL A 68 -2.89 18.65 -8.49
CA VAL A 68 -2.30 18.06 -9.68
C VAL A 68 -3.39 17.59 -10.62
N THR A 69 -3.02 17.34 -11.87
CA THR A 69 -3.94 16.81 -12.88
C THR A 69 -3.36 15.53 -13.45
N ILE A 70 -4.17 14.47 -13.47
CA ILE A 70 -3.79 13.18 -14.05
C ILE A 70 -4.58 13.00 -15.34
N SER A 71 -3.92 12.56 -16.40
CA SER A 71 -4.60 12.32 -17.66
C SER A 71 -4.02 11.09 -18.35
N ALA A 72 -4.66 10.69 -19.44
CA ALA A 72 -4.26 9.50 -20.17
C ALA A 72 -4.41 9.72 -21.66
N ASP A 73 -3.60 9.00 -22.44
CA ASP A 73 -3.74 8.94 -23.89
C ASP A 73 -3.70 7.45 -24.27
N LYS A 74 -4.88 6.82 -24.30
CA LYS A 74 -4.98 5.39 -24.56
C LYS A 74 -4.27 4.99 -25.84
N SER A 75 -4.26 5.88 -26.85
CA SER A 75 -3.75 5.53 -28.17
C SER A 75 -2.24 5.28 -28.17
N ILE A 76 -1.51 5.85 -27.20
CA ILE A 76 -0.08 5.58 -27.05
C ILE A 76 0.24 4.92 -25.71
N SER A 77 -0.80 4.46 -24.99
CA SER A 77 -0.64 3.74 -23.72
C SER A 77 0.19 4.52 -22.70
N THR A 78 -0.08 5.83 -22.59
CA THR A 78 0.67 6.70 -21.68
C THR A 78 -0.27 7.39 -20.72
N VAL A 79 0.15 7.50 -19.47
CA VAL A 79 -0.53 8.29 -18.45
C VAL A 79 0.40 9.41 -18.01
N TYR A 80 -0.21 10.55 -17.67
CA TYR A 80 0.53 11.77 -17.36
C TYR A 80 0.16 12.29 -15.98
N LEU A 81 1.10 13.01 -15.37
CA LEU A 81 0.87 13.71 -14.12
C LEU A 81 1.44 15.11 -14.28
N GLN A 82 0.64 16.13 -13.95
CA GLN A 82 1.00 17.48 -14.36
C GLN A 82 0.71 18.50 -13.26
N TRP A 83 1.62 19.48 -13.12
CA TRP A 83 1.48 20.61 -12.22
C TRP A 83 1.45 21.89 -13.02
N SER A 84 0.58 22.83 -12.62
CA SER A 84 0.54 24.15 -13.26
C SER A 84 1.68 25.03 -12.75
N SER A 85 2.03 24.90 -11.47
CA SER A 85 2.98 25.81 -10.83
C SER A 85 3.65 25.05 -9.69
N LEU A 86 4.86 24.53 -9.92
CA LEU A 86 5.53 23.71 -8.92
C LEU A 86 6.04 24.56 -7.76
N LYS A 87 6.17 23.89 -6.62
CA LYS A 87 6.77 24.46 -5.42
C LYS A 87 7.97 23.60 -5.03
N ALA A 88 8.90 24.19 -4.27
CA ALA A 88 10.08 23.45 -3.82
C ALA A 88 9.68 22.18 -3.07
N SER A 89 8.62 22.25 -2.26
CA SER A 89 8.11 21.06 -1.57
C SER A 89 7.57 19.99 -2.52
N ASP A 90 7.53 20.23 -3.84
CA ASP A 90 7.23 19.13 -4.76
C ASP A 90 8.47 18.29 -5.09
N THR A 91 9.64 18.67 -4.59
CA THR A 91 10.85 17.87 -4.76
C THR A 91 10.64 16.49 -4.17
N ALA A 92 10.73 15.45 -5.00
CA ALA A 92 10.36 14.10 -4.58
C ALA A 92 10.62 13.13 -5.73
N MET A 93 10.60 11.85 -5.40
CA MET A 93 10.52 10.81 -6.41
C MET A 93 9.05 10.50 -6.71
N TYR A 94 8.71 10.37 -8.00
CA TYR A 94 7.34 10.07 -8.39
C TYR A 94 7.31 8.73 -9.11
N TYR A 95 6.45 7.82 -8.63
CA TYR A 95 6.24 6.52 -9.24
C TYR A 95 4.88 6.45 -9.89
N CYS A 96 4.85 5.90 -11.08
CA CYS A 96 3.65 5.39 -11.73
C CYS A 96 3.52 3.89 -11.41
N ALA A 97 2.28 3.43 -11.22
CA ALA A 97 2.07 2.05 -10.77
C ALA A 97 0.69 1.53 -11.16
N ARG A 98 0.63 0.28 -11.63
CA ARG A 98 -0.64 -0.32 -12.01
C ARG A 98 -1.43 -0.70 -10.75
N HIS A 99 -2.74 -0.43 -10.78
CA HIS A 99 -3.60 -0.51 -9.61
C HIS A 99 -4.63 -1.61 -9.79
N ILE A 100 -4.61 -2.60 -8.90
CA ILE A 100 -5.62 -3.65 -8.87
C ILE A 100 -6.65 -3.30 -7.81
N THR A 101 -7.93 -3.21 -8.21
CA THR A 101 -8.92 -2.80 -7.23
C THR A 101 -10.29 -3.35 -7.55
N THR A 102 -11.03 -3.69 -6.49
CA THR A 102 -12.35 -4.33 -6.63
C THR A 102 -13.27 -3.78 -5.55
N HIS A 103 -14.27 -3.01 -5.97
CA HIS A 103 -15.35 -2.51 -5.10
C HIS A 103 -14.75 -1.92 -3.83
N THR A 104 -15.20 -2.32 -2.64
CA THR A 104 -14.65 -1.79 -1.40
C THR A 104 -13.73 -2.77 -0.68
N TYR A 105 -13.32 -3.85 -1.35
CA TYR A 105 -12.61 -4.93 -0.68
C TYR A 105 -11.10 -4.87 -0.83
N ARG A 106 -10.57 -4.20 -1.85
CA ARG A 106 -9.13 -4.29 -2.07
C ARG A 106 -8.67 -3.22 -3.03
N GLY A 107 -7.42 -2.81 -2.85
CA GLY A 107 -6.79 -1.82 -3.70
C GLY A 107 -5.30 -1.77 -3.44
N PHE A 108 -4.51 -2.14 -4.43
CA PHE A 108 -3.05 -2.21 -4.26
C PHE A 108 -2.40 -2.11 -5.63
N PHE A 109 -1.10 -1.91 -5.63
CA PHE A 109 -0.32 -1.72 -6.86
C PHE A 109 0.58 -2.93 -7.08
N ASP A 110 0.40 -3.60 -8.22
CA ASP A 110 1.14 -4.83 -8.48
C ASP A 110 2.38 -4.65 -9.35
N PHE A 111 2.49 -3.55 -10.10
CA PHE A 111 3.70 -3.27 -10.86
C PHE A 111 4.01 -1.79 -10.82
N TRP A 112 5.30 -1.46 -10.76
CA TRP A 112 5.75 -0.09 -10.57
C TRP A 112 6.73 0.35 -11.65
N GLY A 113 6.55 1.59 -12.11
CA GLY A 113 7.59 2.24 -12.90
C GLY A 113 8.87 2.41 -12.11
N GLN A 114 9.94 2.79 -12.83
CA GLN A 114 11.27 2.92 -12.22
C GLN A 114 11.43 4.21 -11.41
N GLY A 115 10.58 5.19 -11.63
CA GLY A 115 10.64 6.40 -10.83
C GLY A 115 11.12 7.58 -11.65
N THR A 116 10.54 8.76 -11.36
CA THR A 116 10.98 10.01 -11.94
C THR A 116 11.36 10.96 -10.82
N LEU A 117 12.64 11.36 -10.78
CA LEU A 117 13.14 12.30 -9.80
C LEU A 117 12.84 13.73 -10.24
N VAL A 118 12.14 14.47 -9.41
CA VAL A 118 11.79 15.86 -9.70
C VAL A 118 12.45 16.72 -8.65
N THR A 119 13.32 17.62 -9.07
CA THR A 119 13.94 18.61 -8.21
C THR A 119 13.37 19.98 -8.53
N VAL A 120 12.92 20.69 -7.49
CA VAL A 120 12.34 22.03 -7.65
C VAL A 120 13.04 22.97 -6.68
N SER A 121 13.69 24.01 -7.21
CA SER A 121 14.50 24.88 -6.37
C SER A 121 14.84 26.15 -7.14
N SER A 122 15.02 27.24 -6.37
CA SER A 122 15.48 28.50 -6.92
C SER A 122 16.93 28.45 -7.38
N ALA A 123 17.69 27.43 -7.01
CA ALA A 123 19.11 27.42 -7.33
C ALA A 123 19.33 27.17 -8.81
N SER A 124 20.45 27.67 -9.32
CA SER A 124 20.92 27.43 -10.67
C SER A 124 22.14 26.50 -10.63
N THR A 125 22.40 25.86 -11.77
CA THR A 125 23.50 24.90 -11.83
C THR A 125 24.81 25.52 -11.35
N LYS A 126 25.53 24.78 -10.50
CA LYS A 126 26.78 25.27 -9.95
C LYS A 126 27.67 24.09 -9.60
N GLY A 127 28.93 24.14 -10.04
CA GLY A 127 29.86 23.10 -9.76
C GLY A 127 30.42 23.26 -8.37
N PRO A 128 30.92 22.17 -7.80
CA PRO A 128 31.38 22.22 -6.40
C PRO A 128 32.80 22.74 -6.26
N SER A 129 33.09 23.20 -5.05
CA SER A 129 34.45 23.44 -4.59
C SER A 129 34.88 22.26 -3.73
N VAL A 130 36.10 21.76 -3.96
CA VAL A 130 36.63 20.60 -3.23
C VAL A 130 37.73 21.06 -2.28
N PHE A 131 37.58 20.71 -1.02
CA PHE A 131 38.57 21.05 -0.01
C PHE A 131 39.14 19.81 0.66
N PRO A 132 40.44 19.75 0.87
CA PRO A 132 41.02 18.56 1.51
C PRO A 132 40.65 18.49 2.99
N LEU A 133 40.53 17.28 3.50
CA LEU A 133 40.50 17.04 4.94
C LEU A 133 41.76 16.27 5.30
N ALA A 134 42.74 16.98 5.85
CA ALA A 134 44.09 16.44 5.99
C ALA A 134 44.20 15.54 7.21
N PRO A 135 44.98 14.46 7.14
CA PRO A 135 45.27 13.68 8.34
C PRO A 135 46.15 14.45 9.31
N SER A 136 46.00 14.13 10.60
CA SER A 136 46.71 14.86 11.64
C SER A 136 48.15 14.38 11.81
N THR A 140 50.11 8.92 13.86
CA THR A 140 50.73 8.07 14.88
C THR A 140 51.83 7.17 14.29
N SER A 141 52.06 6.02 14.92
CA SER A 141 53.09 5.08 14.47
C SER A 141 52.46 3.88 13.78
N GLY A 142 52.00 2.90 14.57
CA GLY A 142 51.42 1.69 14.00
C GLY A 142 49.91 1.73 13.89
N GLY A 143 49.35 2.95 13.89
CA GLY A 143 47.92 3.14 13.95
C GLY A 143 47.30 3.59 12.65
N THR A 144 46.08 4.07 12.76
CA THR A 144 45.23 4.41 11.63
C THR A 144 45.04 5.92 11.56
N ALA A 145 45.06 6.47 10.35
CA ALA A 145 44.76 7.88 10.11
C ALA A 145 43.53 8.01 9.24
N ALA A 146 42.86 9.16 9.36
CA ALA A 146 41.72 9.49 8.52
C ALA A 146 42.00 10.73 7.69
N LEU A 147 41.60 10.69 6.43
CA LEU A 147 41.74 11.79 5.50
C LEU A 147 40.53 11.78 4.57
N GLY A 148 40.33 12.86 3.83
CA GLY A 148 39.18 12.92 2.97
C GLY A 148 39.13 14.20 2.15
N CYS A 149 37.98 14.41 1.52
N CYS A 149 37.98 14.42 1.51
CA CYS A 149 37.67 15.61 0.76
CA CYS A 149 37.72 15.64 0.75
C CYS A 149 36.27 16.08 1.13
C CYS A 149 36.29 16.09 1.01
N LEU A 150 36.13 17.38 1.30
CA LEU A 150 34.82 17.99 1.50
C LEU A 150 34.40 18.62 0.19
N VAL A 151 33.24 18.20 -0.34
CA VAL A 151 32.74 18.62 -1.65
C VAL A 151 31.53 19.53 -1.42
N LYS A 152 31.71 20.82 -1.62
CA LYS A 152 30.82 21.80 -1.03
C LYS A 152 30.15 22.65 -2.10
N ASP A 153 28.86 22.93 -1.91
CA ASP A 153 28.15 23.99 -2.63
C ASP A 153 27.97 23.71 -4.11
N TYR A 154 27.25 22.65 -4.45
CA TYR A 154 26.98 22.33 -5.85
C TYR A 154 25.49 22.12 -6.04
N PHE A 155 25.06 22.17 -7.31
CA PHE A 155 23.67 22.03 -7.70
C PHE A 155 23.56 21.73 -9.19
N PRO A 156 22.68 20.81 -9.60
CA PRO A 156 21.87 19.95 -8.72
C PRO A 156 22.59 18.66 -8.43
N GLU A 157 21.92 17.69 -7.79
CA GLU A 157 22.54 16.40 -7.58
C GLU A 157 22.66 15.66 -8.90
N PRO A 158 23.56 14.66 -9.01
CA PRO A 158 24.57 14.15 -8.06
C PRO A 158 26.00 14.55 -8.39
N VAL A 159 26.92 14.32 -7.47
CA VAL A 159 28.33 14.22 -7.82
C VAL A 159 28.74 12.78 -7.54
N THR A 160 29.83 12.39 -8.18
CA THR A 160 30.47 11.12 -7.90
C THR A 160 31.92 11.37 -7.48
N VAL A 161 32.40 10.51 -6.60
CA VAL A 161 33.72 10.65 -6.00
C VAL A 161 34.41 9.30 -6.10
N SER A 162 35.62 9.29 -6.64
CA SER A 162 36.51 8.15 -6.52
C SER A 162 37.79 8.61 -5.84
N TRP A 163 38.66 7.65 -5.52
CA TRP A 163 39.96 7.93 -4.96
C TRP A 163 41.04 7.25 -5.78
N ASN A 164 42.11 8.00 -6.03
CA ASN A 164 43.21 7.53 -6.84
C ASN A 164 42.71 6.89 -8.13
N SER A 165 41.79 7.59 -8.80
CA SER A 165 41.24 7.19 -10.11
C SER A 165 40.64 5.79 -10.06
N GLY A 166 40.12 5.39 -8.90
CA GLY A 166 39.50 4.10 -8.74
C GLY A 166 40.39 3.03 -8.18
N ALA A 167 41.68 3.30 -7.99
CA ALA A 167 42.58 2.30 -7.45
C ALA A 167 42.42 2.13 -5.94
N LEU A 168 41.83 3.09 -5.26
CA LEU A 168 41.65 3.01 -3.81
C LEU A 168 40.16 2.88 -3.51
N THR A 169 39.76 1.70 -2.99
CA THR A 169 38.37 1.41 -2.63
C THR A 169 38.21 0.99 -1.18
N SER A 170 39.16 0.21 -0.66
CA SER A 170 39.04 -0.31 0.70
C SER A 170 39.11 0.84 1.71
N GLY A 171 38.14 0.88 2.62
CA GLY A 171 38.10 1.92 3.62
C GLY A 171 37.46 3.23 3.21
N VAL A 172 36.86 3.30 2.03
CA VAL A 172 36.31 4.57 1.57
C VAL A 172 34.87 4.67 2.05
N HIS A 173 34.49 5.86 2.54
CA HIS A 173 33.09 6.18 2.80
C HIS A 173 32.76 7.53 2.17
N THR A 174 31.87 7.52 1.19
CA THR A 174 31.35 8.74 0.58
C THR A 174 29.92 8.94 1.08
N PHE A 175 29.70 10.02 1.74
CA PHE A 175 28.45 10.20 2.45
C PHE A 175 27.34 10.68 1.52
N PRO A 176 26.08 10.33 1.82
CA PRO A 176 24.95 10.95 1.10
C PRO A 176 25.03 12.47 1.21
N ALA A 177 24.66 13.16 0.15
CA ALA A 177 24.73 14.61 0.17
C ALA A 177 23.67 15.19 1.09
N VAL A 178 23.94 16.40 1.53
CA VAL A 178 23.07 17.16 2.44
C VAL A 178 22.68 18.47 1.74
N LEU A 179 21.41 18.86 1.87
CA LEU A 179 20.94 20.12 1.30
C LEU A 179 21.12 21.21 2.34
N GLN A 180 21.90 22.23 1.99
CA GLN A 180 22.20 23.31 2.92
C GLN A 180 21.10 24.37 2.86
N SER A 181 21.06 25.23 3.89
CA SER A 181 20.05 26.28 3.94
C SER A 181 20.18 27.25 2.76
N SER A 182 21.40 27.42 2.26
CA SER A 182 21.62 28.20 1.05
C SER A 182 20.90 27.60 -0.15
N GLY A 183 20.53 26.32 -0.10
CA GLY A 183 19.92 25.66 -1.23
C GLY A 183 20.86 24.85 -2.09
N LEU A 184 22.15 24.82 -1.75
CA LEU A 184 23.16 24.03 -2.45
C LEU A 184 23.49 22.76 -1.67
N TYR A 185 23.90 21.73 -2.40
CA TYR A 185 24.23 20.46 -1.76
C TYR A 185 25.69 20.44 -1.31
N SER A 186 25.96 19.60 -0.33
CA SER A 186 27.30 19.41 0.17
C SER A 186 27.45 17.95 0.59
N LEU A 187 28.65 17.41 0.38
CA LEU A 187 28.99 16.07 0.86
C LEU A 187 30.47 15.98 1.20
N SER A 188 30.84 14.88 1.86
CA SER A 188 32.21 14.52 2.19
C SER A 188 32.47 13.09 1.73
N SER A 189 33.73 12.80 1.43
CA SER A 189 34.22 11.45 1.19
C SER A 189 35.48 11.28 2.03
N VAL A 190 35.61 10.15 2.73
CA VAL A 190 36.69 9.94 3.68
C VAL A 190 37.31 8.56 3.46
N VAL A 191 38.57 8.42 3.87
CA VAL A 191 39.28 7.13 3.86
C VAL A 191 40.04 6.98 5.18
N THR A 192 40.07 5.76 5.75
CA THR A 192 41.00 5.46 6.83
C THR A 192 42.13 4.61 6.29
N VAL A 193 43.37 5.01 6.58
CA VAL A 193 44.58 4.44 6.00
C VAL A 193 45.61 4.25 7.09
N PRO A 194 46.60 3.37 6.87
CA PRO A 194 47.67 3.22 7.86
C PRO A 194 48.51 4.49 7.95
N SER A 195 48.74 4.95 9.18
CA SER A 195 49.64 6.08 9.40
C SER A 195 50.99 5.89 8.72
N SER A 196 51.45 4.64 8.56
CA SER A 196 52.76 4.41 7.98
C SER A 196 52.80 4.73 6.48
N SER A 197 51.66 4.82 5.82
CA SER A 197 51.67 5.11 4.39
C SER A 197 51.75 6.61 4.10
N LEU A 198 51.45 7.44 5.09
CA LEU A 198 51.38 8.87 4.83
C LEU A 198 52.76 9.41 4.45
N GLY A 199 52.78 10.31 3.47
CA GLY A 199 54.04 10.83 3.00
C GLY A 199 54.77 9.95 2.02
N THR A 200 54.28 8.74 1.76
CA THR A 200 54.79 8.01 0.62
C THR A 200 53.65 7.60 -0.33
N GLN A 201 52.58 6.98 0.18
CA GLN A 201 51.40 6.78 -0.65
C GLN A 201 50.65 8.11 -0.82
N THR A 202 50.30 8.45 -2.05
CA THR A 202 49.57 9.68 -2.33
C THR A 202 48.08 9.41 -2.34
N TYR A 203 47.30 10.44 -2.04
CA TYR A 203 45.85 10.33 -1.92
C TYR A 203 45.17 11.46 -2.67
N ILE A 204 44.49 11.11 -3.75
CA ILE A 204 43.84 12.07 -4.61
C ILE A 204 42.37 11.71 -4.68
N CYS A 205 41.51 12.65 -4.34
N CYS A 205 41.50 12.70 -4.44
CA CYS A 205 40.09 12.44 -4.56
CA CYS A 205 40.06 12.53 -4.51
C CYS A 205 39.74 13.03 -5.92
C CYS A 205 39.57 13.12 -5.83
N ASN A 206 38.92 12.28 -6.66
CA ASN A 206 38.47 12.69 -8.00
C ASN A 206 36.97 12.96 -7.96
N VAL A 207 36.57 14.19 -8.21
CA VAL A 207 35.18 14.58 -8.07
C VAL A 207 34.63 14.94 -9.44
N ASN A 208 33.48 14.38 -9.77
CA ASN A 208 32.85 14.62 -11.06
C ASN A 208 31.42 15.10 -10.85
N HIS A 209 31.06 16.22 -11.47
CA HIS A 209 29.72 16.80 -11.38
C HIS A 209 29.28 17.00 -12.82
N LYS A 210 28.55 16.02 -13.36
CA LYS A 210 28.16 16.09 -14.77
C LYS A 210 27.30 17.29 -15.13
N PRO A 211 26.29 17.69 -14.36
CA PRO A 211 25.42 18.80 -14.82
C PRO A 211 26.17 20.09 -15.06
N SER A 212 27.32 20.30 -14.44
CA SER A 212 28.13 21.48 -14.71
C SER A 212 29.37 21.17 -15.51
N ASN A 213 29.58 19.89 -15.86
CA ASN A 213 30.78 19.46 -16.58
C ASN A 213 32.04 19.88 -15.81
N THR A 214 32.04 19.62 -14.51
CA THR A 214 33.17 19.93 -13.62
C THR A 214 33.84 18.62 -13.23
N LYS A 215 35.16 18.54 -13.48
CA LYS A 215 35.99 17.45 -12.98
C LYS A 215 37.14 18.05 -12.18
N VAL A 216 37.32 17.58 -10.94
CA VAL A 216 38.33 18.10 -10.05
C VAL A 216 39.09 16.93 -9.42
N ASP A 217 40.41 17.02 -9.41
CA ASP A 217 41.25 16.09 -8.67
C ASP A 217 42.01 16.85 -7.60
N LYS A 218 41.82 16.48 -6.33
CA LYS A 218 42.44 17.17 -5.21
C LYS A 218 43.39 16.22 -4.49
N ARG A 219 44.67 16.58 -4.44
CA ARG A 219 45.62 15.84 -3.63
C ARG A 219 45.43 16.21 -2.16
N VAL A 220 45.29 15.19 -1.32
CA VAL A 220 45.14 15.38 0.12
C VAL A 220 46.48 15.03 0.77
N GLU A 221 47.18 16.03 1.31
CA GLU A 221 48.51 15.82 1.87
C GLU A 221 48.48 15.92 3.39
N PRO A 222 49.45 15.31 4.07
CA PRO A 222 49.45 15.34 5.55
C PRO A 222 49.90 16.67 6.12
N LYS A 223 49.44 16.92 7.35
CA LYS A 223 49.75 18.10 8.16
C LYS A 223 49.82 19.38 7.33
N GLN B 1 -4.22 5.85 10.29
CA GLN B 1 -4.99 4.64 10.56
C GLN B 1 -4.12 3.38 10.61
N LEU B 2 -2.85 3.49 10.22
CA LEU B 2 -2.00 2.33 9.96
C LEU B 2 -0.64 2.52 10.63
N THR B 3 -0.37 1.70 11.65
CA THR B 3 0.86 1.80 12.43
C THR B 3 1.70 0.53 12.23
N GLN B 4 2.94 0.72 11.79
CA GLN B 4 3.90 -0.37 11.55
C GLN B 4 4.89 -0.38 12.70
N SER B 5 4.99 -1.49 13.40
CA SER B 5 5.51 -1.37 14.76
C SER B 5 7.01 -1.56 14.86
N PRO B 6 7.59 -2.65 14.34
CA PRO B 6 9.03 -2.85 14.55
C PRO B 6 9.90 -1.66 14.16
N SER B 7 9.55 -0.93 13.11
CA SER B 7 10.23 0.32 12.71
C SER B 7 11.69 0.13 12.28
N SER B 8 12.50 -0.47 13.14
CA SER B 8 13.81 -0.98 12.73
C SER B 8 14.01 -2.33 13.39
N LEU B 9 14.55 -3.27 12.63
CA LEU B 9 14.64 -4.66 13.07
C LEU B 9 16.00 -5.22 12.65
N SER B 10 16.70 -5.85 13.58
CA SER B 10 18.01 -6.44 13.31
C SER B 10 17.93 -7.96 13.32
N ALA B 11 18.45 -8.59 12.27
CA ALA B 11 18.41 -10.05 12.18
C ALA B 11 19.58 -10.55 11.35
N SER B 12 19.81 -11.86 11.41
CA SER B 12 20.87 -12.51 10.63
C SER B 12 20.30 -13.41 9.55
N VAL B 13 21.16 -13.68 8.56
CA VAL B 13 20.85 -14.63 7.49
C VAL B 13 20.41 -15.95 8.12
N GLY B 14 19.22 -16.42 7.74
CA GLY B 14 18.67 -17.64 8.30
C GLY B 14 17.72 -17.45 9.48
N ASP B 15 17.49 -16.21 9.93
CA ASP B 15 16.62 -15.96 11.07
C ASP B 15 15.15 -15.91 10.64
N ARG B 16 14.27 -16.12 11.63
CA ARG B 16 12.84 -15.90 11.46
C ARG B 16 12.49 -14.47 11.89
N VAL B 17 11.81 -13.75 11.00
CA VAL B 17 11.55 -12.32 11.17
C VAL B 17 10.05 -12.05 10.99
N THR B 18 9.50 -11.22 11.87
CA THR B 18 8.08 -10.87 11.89
C THR B 18 7.92 -9.35 11.94
N ILE B 19 7.09 -8.83 11.04
CA ILE B 19 6.77 -7.40 10.98
C ILE B 19 5.27 -7.25 11.17
N THR B 20 4.88 -6.30 12.00
CA THR B 20 3.48 -6.14 12.36
C THR B 20 2.95 -4.79 11.89
N CYS B 21 1.65 -4.80 11.58
CA CYS B 21 0.89 -3.66 11.06
C CYS B 21 -0.45 -3.66 11.80
N ARG B 22 -0.73 -2.57 12.53
CA ARG B 22 -1.99 -2.45 13.25
C ARG B 22 -2.87 -1.34 12.67
N ALA B 23 -4.10 -1.69 12.27
CA ALA B 23 -5.05 -0.75 11.70
C ALA B 23 -5.99 -0.18 12.76
N SER B 24 -6.38 1.10 12.59
CA SER B 24 -7.19 1.79 13.58
C SER B 24 -8.61 1.24 13.66
N GLN B 25 -9.09 0.60 12.60
CA GLN B 25 -10.38 -0.09 12.55
C GLN B 25 -10.22 -1.35 11.72
N ASP B 26 -11.25 -2.21 11.74
CA ASP B 26 -11.18 -3.43 10.93
C ASP B 26 -11.09 -3.07 9.45
N ILE B 27 -10.26 -3.80 8.71
CA ILE B 27 -10.11 -3.56 7.28
C ILE B 27 -10.27 -4.85 6.48
N SER B 28 -10.81 -5.90 7.11
CA SER B 28 -10.99 -7.19 6.45
C SER B 28 -9.72 -7.65 5.76
N SER B 29 -9.76 -7.78 4.43
CA SER B 29 -8.64 -8.31 3.66
C SER B 29 -8.03 -7.28 2.72
N ALA B 30 -8.18 -6.00 3.05
CA ALA B 30 -7.72 -4.91 2.18
C ALA B 30 -6.32 -4.43 2.61
N LEU B 31 -5.38 -5.36 2.64
CA LEU B 31 -4.04 -5.05 3.09
C LEU B 31 -3.02 -5.71 2.18
N ALA B 32 -1.96 -4.97 1.85
CA ALA B 32 -0.89 -5.46 0.99
C ALA B 32 0.45 -5.10 1.61
N TRP B 33 1.49 -5.87 1.26
CA TRP B 33 2.85 -5.61 1.73
C TRP B 33 3.79 -5.41 0.53
N TYR B 34 4.69 -4.44 0.67
CA TYR B 34 5.70 -4.14 -0.33
C TYR B 34 7.09 -4.16 0.29
N GLN B 35 8.09 -4.34 -0.58
CA GLN B 35 9.49 -4.22 -0.23
C GLN B 35 10.13 -3.11 -1.07
N GLN B 36 11.08 -2.37 -0.48
CA GLN B 36 11.78 -1.32 -1.22
C GLN B 36 13.22 -1.28 -0.77
N LYS B 37 14.13 -1.22 -1.74
CA LYS B 37 15.55 -1.07 -1.48
C LYS B 37 15.99 0.34 -1.86
N PRO B 38 17.05 0.84 -1.25
CA PRO B 38 17.47 2.23 -1.55
C PRO B 38 17.76 2.41 -3.04
N GLY B 39 17.16 3.47 -3.61
CA GLY B 39 17.35 3.81 -5.01
C GLY B 39 16.41 3.10 -5.98
N LYS B 40 15.61 2.16 -5.50
CA LYS B 40 14.82 1.31 -6.37
C LYS B 40 13.33 1.48 -6.06
N ALA B 41 12.51 1.10 -7.03
CA ALA B 41 11.07 1.21 -6.88
C ALA B 41 10.55 0.17 -5.90
N PRO B 42 9.43 0.45 -5.25
CA PRO B 42 8.78 -0.59 -4.43
C PRO B 42 8.41 -1.82 -5.28
N LYS B 43 8.22 -2.94 -4.58
CA LYS B 43 7.88 -4.23 -5.17
C LYS B 43 6.78 -4.90 -4.35
N LEU B 44 5.74 -5.40 -5.03
CA LEU B 44 4.64 -6.07 -4.33
C LEU B 44 5.07 -7.47 -3.88
N LEU B 45 4.85 -7.75 -2.59
CA LEU B 45 5.13 -9.07 -2.02
C LEU B 45 3.86 -9.86 -1.73
N ILE B 46 2.95 -9.28 -0.93
CA ILE B 46 1.75 -9.96 -0.46
C ILE B 46 0.55 -9.05 -0.76
N TYR B 47 -0.58 -9.64 -1.14
CA TYR B 47 -1.80 -8.88 -1.30
C TYR B 47 -2.97 -9.73 -0.77
N ASP B 48 -4.06 -9.06 -0.44
CA ASP B 48 -5.21 -9.74 0.18
C ASP B 48 -4.78 -10.47 1.45
N VAL B 49 -3.90 -9.83 2.24
CA VAL B 49 -3.47 -10.28 3.57
C VAL B 49 -2.44 -11.40 3.48
N SER B 50 -2.71 -12.41 2.65
CA SER B 50 -1.89 -13.62 2.69
C SER B 50 -1.56 -14.16 1.31
N SER B 51 -1.88 -13.47 0.23
CA SER B 51 -1.66 -14.03 -1.09
C SER B 51 -0.30 -13.59 -1.62
N LEU B 52 0.45 -14.55 -2.14
CA LEU B 52 1.81 -14.32 -2.58
C LEU B 52 1.82 -13.93 -4.05
N GLU B 53 2.53 -12.85 -4.36
CA GLU B 53 2.64 -12.39 -5.74
C GLU B 53 3.52 -13.31 -6.56
N SER B 54 3.18 -13.48 -7.83
CA SER B 54 3.95 -14.33 -8.74
C SER B 54 5.42 -13.94 -8.72
N GLY B 55 6.28 -14.93 -8.47
CA GLY B 55 7.70 -14.74 -8.53
C GLY B 55 8.36 -14.28 -7.25
N VAL B 56 7.60 -14.02 -6.20
CA VAL B 56 8.14 -13.74 -4.87
C VAL B 56 8.42 -15.07 -4.18
N PRO B 57 9.54 -15.23 -3.48
CA PRO B 57 9.88 -16.55 -2.91
C PRO B 57 8.91 -17.02 -1.83
N SER B 58 8.78 -18.34 -1.70
CA SER B 58 7.85 -18.98 -0.77
C SER B 58 8.16 -18.62 0.69
N ARG B 59 9.42 -18.32 1.03
CA ARG B 59 9.72 -17.95 2.41
C ARG B 59 8.95 -16.72 2.90
N PHE B 60 8.33 -15.95 1.99
CA PHE B 60 7.48 -14.85 2.42
C PHE B 60 6.06 -15.33 2.73
N SER B 61 5.49 -14.82 3.82
CA SER B 61 4.16 -15.22 4.28
C SER B 61 3.45 -14.05 4.95
N GLY B 62 2.14 -13.96 4.74
CA GLY B 62 1.34 -12.92 5.37
C GLY B 62 0.13 -13.51 6.07
N SER B 63 -0.33 -12.81 7.11
CA SER B 63 -1.49 -13.26 7.85
C SER B 63 -2.05 -12.07 8.61
N GLY B 64 -3.16 -12.30 9.29
CA GLY B 64 -3.79 -11.25 10.05
C GLY B 64 -5.29 -11.44 10.11
N SER B 65 -5.94 -10.59 10.91
CA SER B 65 -7.37 -10.74 11.15
C SER B 65 -8.12 -9.43 10.93
N GLY B 66 -8.50 -8.79 12.02
CA GLY B 66 -9.27 -7.56 11.94
C GLY B 66 -8.37 -6.35 11.77
N THR B 67 -7.63 -6.03 12.84
CA THR B 67 -6.75 -4.88 12.87
C THR B 67 -5.28 -5.23 13.05
N ASP B 68 -4.92 -6.50 13.17
CA ASP B 68 -3.54 -6.92 13.37
C ASP B 68 -3.10 -7.80 12.20
N PHE B 69 -1.98 -7.44 11.58
CA PHE B 69 -1.44 -8.17 10.46
C PHE B 69 0.06 -8.34 10.64
N THR B 70 0.57 -9.43 10.09
CA THR B 70 1.98 -9.77 10.25
C THR B 70 2.53 -10.24 8.92
N LEU B 71 3.74 -9.81 8.58
CA LEU B 71 4.50 -10.37 7.47
C LEU B 71 5.67 -11.15 8.06
N THR B 72 5.83 -12.38 7.60
CA THR B 72 6.87 -13.24 8.12
C THR B 72 7.82 -13.66 7.00
N ILE B 73 9.11 -13.69 7.31
CA ILE B 73 10.11 -14.28 6.42
C ILE B 73 10.78 -15.43 7.16
N SER B 74 10.51 -16.66 6.71
CA SER B 74 11.05 -17.87 7.29
C SER B 74 12.53 -17.76 7.58
N SER B 75 13.34 -17.69 6.53
CA SER B 75 14.81 -17.78 6.66
C SER B 75 15.41 -16.63 5.84
N LEU B 76 15.83 -15.58 6.54
CA LEU B 76 16.28 -14.37 5.87
C LEU B 76 17.41 -14.68 4.90
N GLN B 77 17.33 -14.12 3.70
CA GLN B 77 18.42 -14.16 2.74
C GLN B 77 19.01 -12.77 2.57
N PRO B 78 20.25 -12.65 2.06
CA PRO B 78 20.86 -11.31 1.97
C PRO B 78 20.09 -10.33 1.08
N GLU B 79 19.42 -10.79 0.03
CA GLU B 79 18.61 -9.86 -0.76
C GLU B 79 17.36 -9.40 -0.02
N ASP B 80 17.04 -9.97 1.14
CA ASP B 80 15.87 -9.55 1.89
C ASP B 80 16.14 -8.37 2.84
N PHE B 81 17.38 -8.00 3.09
CA PHE B 81 17.64 -6.82 3.91
C PHE B 81 17.19 -5.58 3.13
N ALA B 82 16.17 -4.90 3.66
CA ALA B 82 15.49 -3.83 2.95
C ALA B 82 14.42 -3.19 3.82
N THR B 83 13.69 -2.24 3.26
CA THR B 83 12.55 -1.63 3.93
C THR B 83 11.25 -2.25 3.43
N TYR B 84 10.32 -2.51 4.35
CA TYR B 84 9.03 -3.11 4.07
C TYR B 84 7.91 -2.16 4.52
N TYR B 85 6.85 -2.09 3.71
CA TYR B 85 5.71 -1.20 3.94
C TYR B 85 4.43 -2.01 3.87
N CYS B 86 3.57 -1.89 4.87
CA CYS B 86 2.19 -2.32 4.68
C CYS B 86 1.35 -1.18 4.11
N GLN B 87 0.17 -1.51 3.59
CA GLN B 87 -0.62 -0.54 2.83
C GLN B 87 -2.07 -0.98 2.81
N GLN B 88 -2.99 -0.10 3.20
CA GLN B 88 -4.38 -0.46 3.32
C GLN B 88 -5.23 0.35 2.35
N PHE B 89 -6.45 -0.14 2.08
CA PHE B 89 -7.39 0.49 1.16
C PHE B 89 -8.75 0.65 1.84
N ASN B 90 -9.42 1.78 1.58
CA ASN B 90 -10.80 2.03 1.95
C ASN B 90 -11.55 2.56 0.74
N GLY B 91 -12.84 2.25 0.66
CA GLY B 91 -13.55 2.37 -0.59
C GLY B 91 -14.56 3.48 -0.84
N TYR B 92 -14.93 4.28 0.14
CA TYR B 92 -16.00 5.27 -0.03
C TYR B 92 -15.64 6.58 0.65
N PRO B 93 -14.85 7.43 -0.03
CA PRO B 93 -14.33 7.21 -1.37
C PRO B 93 -12.96 6.55 -1.36
N HIS B 94 -12.36 6.44 -2.53
CA HIS B 94 -11.11 5.70 -2.71
C HIS B 94 -9.97 6.31 -1.87
N ARG B 95 -9.31 5.47 -1.05
CA ARG B 95 -8.23 5.94 -0.19
C ARG B 95 -7.22 4.84 0.03
N LEU B 96 -5.93 5.19 -0.13
CA LEU B 96 -4.81 4.28 0.08
C LEU B 96 -3.85 4.92 1.07
N THR B 97 -3.50 4.18 2.13
CA THR B 97 -2.62 4.64 3.20
C THR B 97 -1.52 3.62 3.38
N PHE B 98 -0.25 4.09 3.37
CA PHE B 98 0.92 3.25 3.59
C PHE B 98 1.38 3.35 5.04
N GLY B 99 1.92 2.23 5.56
CA GLY B 99 2.59 2.25 6.85
C GLY B 99 3.85 3.11 6.85
N GLY B 100 4.40 3.33 8.04
CA GLY B 100 5.61 4.13 8.14
C GLY B 100 6.88 3.41 7.73
N GLY B 101 6.83 2.09 7.61
CA GLY B 101 7.98 1.38 7.10
C GLY B 101 8.78 0.69 8.21
N THR B 102 9.37 -0.44 7.87
CA THR B 102 10.23 -1.18 8.79
C THR B 102 11.50 -1.52 8.04
N LYS B 103 12.63 -0.96 8.50
CA LYS B 103 13.93 -1.28 7.91
C LYS B 103 14.49 -2.53 8.60
N VAL B 104 14.75 -3.55 7.81
CA VAL B 104 15.34 -4.80 8.31
C VAL B 104 16.82 -4.76 7.96
N GLU B 105 17.67 -4.80 8.97
CA GLU B 105 19.09 -4.55 8.81
C GLU B 105 19.88 -5.74 9.36
N ILE B 106 21.17 -5.76 9.06
CA ILE B 106 22.00 -6.92 9.41
C ILE B 106 22.47 -6.78 10.86
N LYS B 107 22.28 -7.82 11.65
CA LYS B 107 22.70 -7.85 13.04
C LYS B 107 24.19 -8.21 13.15
N ARG B 108 24.89 -7.51 14.04
CA ARG B 108 26.30 -7.79 14.35
C ARG B 108 26.55 -7.37 15.82
N THR B 109 27.76 -7.62 16.32
CA THR B 109 28.12 -7.18 17.66
C THR B 109 28.32 -5.67 17.71
N VAL B 110 28.01 -5.08 18.87
CA VAL B 110 28.15 -3.65 19.07
C VAL B 110 29.59 -3.22 18.74
N ALA B 111 29.75 -2.11 18.03
CA ALA B 111 31.05 -1.57 17.68
C ALA B 111 31.08 -0.08 17.99
N ALA B 112 31.99 0.32 18.86
CA ALA B 112 32.18 1.71 19.15
C ALA B 112 32.70 2.44 17.91
N PRO B 113 32.32 3.71 17.72
CA PRO B 113 32.94 4.48 16.64
C PRO B 113 34.36 4.88 17.01
N SER B 114 35.20 4.92 15.99
CA SER B 114 36.44 5.70 16.05
C SER B 114 36.15 7.10 15.53
N VAL B 115 36.54 8.11 16.31
CA VAL B 115 36.21 9.51 16.05
C VAL B 115 37.46 10.26 15.62
N PHE B 116 37.33 11.03 14.53
CA PHE B 116 38.33 11.93 13.99
C PHE B 116 37.66 13.29 13.80
N ILE B 117 38.45 14.37 13.89
CA ILE B 117 37.95 15.72 13.69
C ILE B 117 38.86 16.46 12.71
N PHE B 118 38.27 17.23 11.79
CA PHE B 118 39.03 17.94 10.76
C PHE B 118 38.81 19.43 10.87
N PRO B 119 39.85 20.21 11.09
CA PRO B 119 39.70 21.67 11.08
C PRO B 119 39.37 22.14 9.68
N PRO B 120 38.89 23.37 9.54
CA PRO B 120 38.73 23.96 8.20
C PRO B 120 40.07 24.02 7.46
N SER B 121 40.00 23.78 6.16
CA SER B 121 41.18 23.89 5.32
C SER B 121 41.53 25.35 5.07
N ASP B 122 42.83 25.61 4.88
CA ASP B 122 43.26 26.98 4.62
C ASP B 122 42.66 27.51 3.33
N GLU B 123 42.49 26.65 2.33
CA GLU B 123 41.87 27.07 1.07
C GLU B 123 40.43 27.52 1.30
N GLN B 124 39.66 26.75 2.05
CA GLN B 124 38.27 27.11 2.31
C GLN B 124 38.17 28.47 2.99
N LEU B 125 39.06 28.73 3.96
CA LEU B 125 39.00 30.00 4.70
C LEU B 125 39.14 31.21 3.79
N LYS B 126 39.91 31.10 2.70
CA LYS B 126 39.97 32.21 1.75
C LYS B 126 38.61 32.51 1.11
N SER B 127 37.67 31.57 1.15
CA SER B 127 36.36 31.76 0.55
C SER B 127 35.39 32.53 1.42
N GLY B 128 35.67 32.66 2.72
CA GLY B 128 34.77 33.32 3.64
C GLY B 128 33.96 32.40 4.54
N THR B 129 34.05 31.09 4.34
CA THR B 129 33.29 30.13 5.13
C THR B 129 34.23 29.10 5.73
N ALA B 130 33.85 28.58 6.91
CA ALA B 130 34.64 27.56 7.60
C ALA B 130 33.74 26.37 7.90
N SER B 131 34.22 25.17 7.56
CA SER B 131 33.51 23.93 7.87
C SER B 131 34.41 23.10 8.78
N VAL B 132 33.88 22.67 9.91
CA VAL B 132 34.53 21.73 10.79
C VAL B 132 33.83 20.40 10.63
N VAL B 133 34.60 19.34 10.40
CA VAL B 133 34.05 18.02 10.11
C VAL B 133 34.47 17.06 11.21
N CYS B 134 33.49 16.34 11.75
CA CYS B 134 33.69 15.27 12.72
C CYS B 134 33.25 13.96 12.06
N LEU B 135 34.10 12.94 12.11
CA LEU B 135 33.79 11.65 11.51
C LEU B 135 33.64 10.57 12.60
N LEU B 136 32.56 9.81 12.52
CA LEU B 136 32.35 8.61 13.35
C LEU B 136 32.44 7.45 12.39
N ASN B 137 33.44 6.60 12.56
CA ASN B 137 33.74 5.59 11.55
C ASN B 137 33.49 4.17 12.05
N ASN B 138 32.70 3.41 11.28
CA ASN B 138 32.56 1.95 11.44
C ASN B 138 32.01 1.55 12.81
N PHE B 139 30.78 1.98 13.09
CA PHE B 139 30.12 1.63 14.33
C PHE B 139 28.81 0.89 14.08
N TYR B 140 28.30 0.26 15.15
CA TYR B 140 27.03 -0.46 15.15
C TYR B 140 26.54 -0.57 16.59
N PRO B 141 25.25 -0.37 16.86
CA PRO B 141 24.21 -0.07 15.86
C PRO B 141 24.24 1.38 15.39
N ARG B 142 23.25 1.74 14.55
CA ARG B 142 23.30 3.00 13.83
C ARG B 142 23.07 4.21 14.74
N GLU B 143 22.32 4.04 15.82
CA GLU B 143 22.01 5.18 16.69
C GLU B 143 23.27 5.77 17.32
N ALA B 144 23.40 7.09 17.22
CA ALA B 144 24.56 7.80 17.75
C ALA B 144 24.16 9.24 17.94
N LYS B 145 24.79 9.91 18.91
CA LYS B 145 24.52 11.32 19.16
C LYS B 145 25.84 12.09 19.09
N VAL B 146 25.89 13.10 18.23
CA VAL B 146 27.06 13.97 18.15
C VAL B 146 26.66 15.35 18.66
N GLN B 147 27.55 15.96 19.43
CA GLN B 147 27.33 17.30 19.97
C GLN B 147 28.60 18.11 19.75
N TRP B 148 28.43 19.36 19.31
CA TRP B 148 29.54 20.28 19.08
C TRP B 148 29.66 21.26 20.23
N LYS B 149 30.88 21.46 20.69
CA LYS B 149 31.21 22.45 21.71
C LYS B 149 32.28 23.38 21.18
N VAL B 150 32.10 24.68 21.43
CA VAL B 150 32.96 25.74 20.92
C VAL B 150 33.31 26.64 22.09
N ASP B 151 34.56 26.57 22.54
CA ASP B 151 35.00 27.19 23.79
C ASP B 151 34.16 26.67 24.96
N ASN B 152 33.92 25.36 24.96
CA ASN B 152 33.16 24.60 25.96
C ASN B 152 31.68 24.95 25.97
N ALA B 153 31.19 25.68 24.97
CA ALA B 153 29.79 26.05 24.88
C ALA B 153 29.09 25.14 23.86
N LEU B 154 28.04 24.45 24.30
CA LEU B 154 27.31 23.54 23.42
C LEU B 154 26.60 24.30 22.31
N GLN B 155 26.72 23.79 21.08
CA GLN B 155 26.14 24.40 19.89
C GLN B 155 24.80 23.78 19.53
N SER B 156 23.99 24.56 18.82
CA SER B 156 22.68 24.12 18.37
C SER B 156 22.33 24.83 17.07
N GLY B 157 21.92 24.07 16.05
CA GLY B 157 21.36 24.64 14.85
C GLY B 157 22.33 24.92 13.72
N ASN B 158 23.65 24.83 13.96
CA ASN B 158 24.64 25.11 12.92
C ASN B 158 25.39 23.86 12.45
N SER B 159 24.83 22.66 12.67
CA SER B 159 25.44 21.43 12.18
C SER B 159 24.43 20.62 11.36
N GLN B 160 24.97 19.75 10.52
CA GLN B 160 24.19 18.81 9.71
C GLN B 160 24.93 17.48 9.68
N GLU B 161 24.17 16.38 9.71
CA GLU B 161 24.71 15.04 9.80
C GLU B 161 24.33 14.25 8.56
N SER B 162 25.20 13.32 8.21
CA SER B 162 24.97 12.38 7.13
C SER B 162 25.47 11.03 7.59
N VAL B 163 24.77 9.96 7.21
CA VAL B 163 25.12 8.60 7.61
C VAL B 163 25.08 7.70 6.39
N THR B 164 25.99 6.74 6.34
CA THR B 164 26.03 5.81 5.22
C THR B 164 25.02 4.69 5.41
N GLU B 165 24.74 3.99 4.32
CA GLU B 165 24.07 2.70 4.45
C GLU B 165 25.00 1.72 5.15
N GLN B 166 24.41 0.65 5.66
CA GLN B 166 25.18 -0.39 6.32
C GLN B 166 26.19 -1.00 5.35
N ASP B 167 27.42 -1.19 5.83
CA ASP B 167 28.49 -1.65 4.95
C ASP B 167 28.29 -3.11 4.57
N SER B 168 28.58 -3.42 3.29
CA SER B 168 28.35 -4.77 2.78
C SER B 168 29.28 -5.81 3.40
N LYS B 169 30.50 -5.40 3.78
CA LYS B 169 31.48 -6.36 4.28
C LYS B 169 31.41 -6.55 5.79
N ASP B 170 31.43 -5.47 6.57
CA ASP B 170 31.50 -5.58 8.02
C ASP B 170 30.22 -5.14 8.74
N SER B 171 29.18 -4.71 8.02
CA SER B 171 27.85 -4.44 8.58
C SER B 171 27.81 -3.22 9.49
N THR B 172 28.74 -2.29 9.37
CA THR B 172 28.80 -1.12 10.23
C THR B 172 28.32 0.11 9.49
N TYR B 173 28.03 1.16 10.26
CA TYR B 173 27.67 2.47 9.75
C TYR B 173 28.81 3.45 9.96
N SER B 174 28.79 4.53 9.18
CA SER B 174 29.65 5.67 9.44
C SER B 174 28.81 6.94 9.32
N LEU B 175 29.22 7.96 10.07
CA LEU B 175 28.49 9.20 10.13
C LEU B 175 29.47 10.36 10.14
N SER B 176 29.08 11.42 9.43
CA SER B 176 29.78 12.70 9.44
C SER B 176 28.88 13.77 10.03
N SER B 177 29.46 14.65 10.84
CA SER B 177 28.78 15.85 11.30
C SER B 177 29.62 17.05 10.92
N THR B 178 28.98 18.03 10.31
CA THR B 178 29.68 19.18 9.76
C THR B 178 29.14 20.43 10.45
N LEU B 179 30.04 21.15 11.12
CA LEU B 179 29.70 22.42 11.75
C LEU B 179 30.06 23.55 10.78
N THR B 180 29.08 24.36 10.40
CA THR B 180 29.31 25.40 9.41
C THR B 180 29.30 26.77 10.09
N LEU B 181 30.40 27.50 9.99
CA LEU B 181 30.53 28.83 10.55
C LEU B 181 31.10 29.80 9.50
N SER B 182 30.79 31.09 9.66
CA SER B 182 31.50 32.08 8.87
C SER B 182 32.96 32.14 9.32
N LYS B 183 33.82 32.66 8.44
CA LYS B 183 35.23 32.75 8.80
C LYS B 183 35.43 33.68 9.99
N ALA B 184 34.72 34.82 10.01
CA ALA B 184 34.91 35.78 11.09
C ALA B 184 34.44 35.20 12.42
N ASP B 185 33.35 34.44 12.41
CA ASP B 185 32.93 33.76 13.63
C ASP B 185 33.93 32.67 14.03
N TYR B 186 34.45 31.91 13.06
CA TYR B 186 35.41 30.86 13.36
C TYR B 186 36.67 31.42 14.00
N GLU B 187 37.16 32.56 13.50
CA GLU B 187 38.36 33.20 14.02
C GLU B 187 38.14 33.87 15.36
N LYS B 188 36.96 33.78 15.95
CA LYS B 188 36.71 34.38 17.25
C LYS B 188 36.92 33.41 18.41
N HIS B 189 37.10 32.11 18.14
CA HIS B 189 37.14 31.11 19.20
C HIS B 189 38.36 30.20 19.05
N LYS B 190 38.68 29.50 20.14
CA LYS B 190 39.89 28.68 20.24
C LYS B 190 39.60 27.18 20.17
N VAL B 191 38.95 26.59 21.17
CA VAL B 191 38.77 25.14 21.20
C VAL B 191 37.48 24.74 20.48
N TYR B 192 37.62 23.89 19.47
CA TYR B 192 36.50 23.30 18.75
C TYR B 192 36.50 21.81 19.04
N ALA B 193 35.34 21.28 19.40
CA ALA B 193 35.26 19.91 19.90
C ALA B 193 33.94 19.29 19.50
N CYS B 194 33.98 18.03 19.06
CA CYS B 194 32.76 17.23 18.92
C CYS B 194 32.77 16.12 19.96
N GLU B 195 31.60 15.89 20.56
CA GLU B 195 31.43 14.94 21.64
C GLU B 195 30.45 13.87 21.17
N VAL B 196 30.83 12.60 21.34
CA VAL B 196 30.12 11.48 20.72
C VAL B 196 29.61 10.54 21.80
N THR B 197 28.34 10.15 21.68
CA THR B 197 27.71 9.15 22.53
C THR B 197 27.23 7.99 21.65
N HIS B 198 27.36 6.77 22.16
CA HIS B 198 26.98 5.57 21.42
C HIS B 198 26.97 4.40 22.38
N GLN B 199 26.15 3.39 22.06
CA GLN B 199 25.98 2.27 22.97
C GLN B 199 27.32 1.58 23.27
N GLY B 200 28.26 1.61 22.32
CA GLY B 200 29.56 0.98 22.50
C GLY B 200 30.59 1.78 23.30
N LEU B 201 30.26 3.04 23.62
CA LEU B 201 31.11 3.90 24.45
C LEU B 201 30.53 3.98 25.85
N SER B 202 31.34 3.65 26.86
CA SER B 202 30.86 3.72 28.24
C SER B 202 30.71 5.16 28.70
N SER B 203 31.49 6.08 28.17
CA SER B 203 31.39 7.50 28.47
C SER B 203 31.67 8.28 27.19
N PRO B 204 31.18 9.52 27.10
CA PRO B 204 31.31 10.26 25.83
C PRO B 204 32.77 10.49 25.43
N VAL B 205 33.03 10.36 24.12
CA VAL B 205 34.36 10.57 23.55
C VAL B 205 34.41 11.95 22.92
N THR B 206 35.42 12.72 23.28
CA THR B 206 35.61 14.05 22.75
C THR B 206 36.85 14.06 21.87
N LYS B 207 36.74 14.63 20.67
CA LYS B 207 37.90 14.97 19.86
C LYS B 207 37.89 16.47 19.71
N SER B 208 39.06 17.11 19.88
CA SER B 208 39.11 18.57 19.84
C SER B 208 40.44 19.04 19.28
N PHE B 209 40.48 20.33 18.96
CA PHE B 209 41.68 21.02 18.51
C PHE B 209 41.56 22.49 18.87
N ASN B 210 42.71 23.18 18.91
CA ASN B 210 42.76 24.62 19.12
C ASN B 210 43.04 25.31 17.80
N ARG B 211 42.17 26.25 17.42
CA ARG B 211 42.39 27.04 16.22
C ARG B 211 43.80 27.61 16.23
N GLY B 212 44.43 27.58 15.07
CA GLY B 212 45.89 27.64 15.00
C GLY B 212 46.45 26.23 14.94
N GLU B 213 47.28 25.88 15.92
CA GLU B 213 47.58 24.47 16.17
C GLU B 213 48.03 24.30 17.62
N SER C 1 -5.50 -37.69 -4.60
CA SER C 1 -5.10 -39.06 -4.32
C SER C 1 -5.46 -39.44 -2.90
N LEU C 2 -6.39 -38.68 -2.33
CA LEU C 2 -6.90 -38.97 -0.99
C LEU C 2 -8.15 -39.83 -1.09
N ASP C 3 -8.18 -40.87 -0.27
CA ASP C 3 -9.19 -41.91 -0.29
C ASP C 3 -9.93 -41.93 1.04
N GLU C 4 -10.92 -42.82 1.14
CA GLU C 4 -11.52 -43.10 2.43
C GLU C 4 -10.48 -43.65 3.41
N LYS C 5 -9.48 -44.37 2.90
CA LYS C 5 -8.54 -45.09 3.75
C LYS C 5 -7.48 -44.17 4.37
N ASN C 6 -7.05 -43.13 3.66
CA ASN C 6 -5.93 -42.31 4.11
C ASN C 6 -6.33 -40.88 4.47
N SER C 7 -7.61 -40.54 4.49
CA SER C 7 -8.01 -39.16 4.78
C SER C 7 -9.31 -39.15 5.57
N VAL C 8 -9.71 -37.95 5.98
CA VAL C 8 -10.99 -37.73 6.63
C VAL C 8 -11.76 -36.66 5.85
N SER C 9 -13.07 -36.83 5.82
CA SER C 9 -13.97 -35.92 5.13
C SER C 9 -14.56 -34.94 6.14
N VAL C 10 -14.51 -33.65 5.84
CA VAL C 10 -15.01 -32.61 6.73
C VAL C 10 -16.09 -31.82 6.00
N ASP C 11 -17.27 -31.72 6.61
CA ASP C 11 -18.38 -30.95 6.05
C ASP C 11 -18.12 -29.46 6.17
N LEU C 12 -18.46 -28.70 5.13
CA LEU C 12 -18.21 -27.27 5.11
C LEU C 12 -19.47 -26.48 4.79
N PRO C 13 -19.49 -25.18 5.10
CA PRO C 13 -20.61 -24.34 4.63
C PRO C 13 -20.64 -24.26 3.11
N GLY C 14 -21.85 -24.10 2.59
CA GLY C 14 -22.02 -24.14 1.15
C GLY C 14 -22.13 -25.54 0.60
N GLU C 15 -22.50 -26.51 1.43
CA GLU C 15 -22.65 -27.91 1.04
C GLU C 15 -21.41 -28.41 0.30
N MET C 16 -20.25 -28.17 0.89
CA MET C 16 -18.98 -28.64 0.34
C MET C 16 -18.35 -29.62 1.32
N LYS C 17 -17.37 -30.38 0.82
CA LYS C 17 -16.56 -31.24 1.68
C LYS C 17 -15.10 -31.12 1.30
N VAL C 18 -14.23 -31.12 2.33
CA VAL C 18 -12.78 -31.19 2.18
C VAL C 18 -12.33 -32.56 2.67
N LEU C 19 -11.41 -33.17 1.93
CA LEU C 19 -10.67 -34.31 2.43
C LEU C 19 -9.34 -33.79 2.97
N VAL C 20 -8.94 -34.32 4.12
CA VAL C 20 -7.75 -33.88 4.84
C VAL C 20 -6.85 -35.09 5.08
N SER C 21 -5.58 -34.99 4.67
CA SER C 21 -4.67 -36.12 4.85
C SER C 21 -4.57 -36.47 6.32
N LYS C 22 -4.58 -37.77 6.63
CA LYS C 22 -4.33 -38.17 8.00
C LYS C 22 -2.86 -38.03 8.37
N GLU C 23 -1.96 -38.22 7.41
CA GLU C 23 -0.53 -38.08 7.64
C GLU C 23 -0.01 -36.86 6.90
N LYS C 24 0.84 -36.10 7.58
CA LYS C 24 1.53 -34.97 6.96
C LYS C 24 2.50 -35.47 5.90
N ASN C 25 2.53 -34.78 4.77
CA ASN C 25 3.60 -35.00 3.81
C ASN C 25 4.91 -34.49 4.39
N LYS C 26 6.00 -34.72 3.66
CA LYS C 26 7.18 -33.92 3.92
C LYS C 26 6.83 -32.46 3.69
N ASP C 27 7.46 -31.58 4.46
CA ASP C 27 7.12 -30.18 4.74
C ASP C 27 6.29 -30.14 6.02
N GLY C 28 5.94 -31.29 6.59
CA GLY C 28 5.18 -31.34 7.81
C GLY C 28 3.84 -30.66 7.70
N LYS C 29 3.18 -30.82 6.55
CA LYS C 29 1.93 -30.14 6.26
C LYS C 29 0.88 -31.15 5.82
N TYR C 30 -0.37 -30.84 6.13
CA TYR C 30 -1.49 -31.68 5.71
C TYR C 30 -1.99 -31.21 4.34
N ASP C 31 -2.21 -32.17 3.45
CA ASP C 31 -2.79 -31.88 2.14
C ASP C 31 -4.31 -31.83 2.23
N LEU C 32 -4.90 -30.92 1.47
CA LEU C 32 -6.35 -30.74 1.41
C LEU C 32 -6.85 -30.81 -0.02
N ILE C 33 -8.04 -31.36 -0.22
CA ILE C 33 -8.70 -31.36 -1.52
C ILE C 33 -10.19 -31.14 -1.33
N ALA C 34 -10.80 -30.37 -2.24
CA ALA C 34 -12.22 -30.01 -2.16
C ALA C 34 -12.75 -29.83 -3.56
N THR C 35 -13.91 -30.41 -3.83
CA THR C 35 -14.52 -30.36 -5.15
C THR C 35 -15.59 -29.29 -5.16
N VAL C 36 -15.48 -28.37 -6.11
CA VAL C 36 -16.50 -27.34 -6.31
C VAL C 36 -16.67 -27.15 -7.82
N ASP C 37 -17.91 -27.23 -8.29
CA ASP C 37 -18.26 -26.92 -9.67
C ASP C 37 -17.30 -27.56 -10.67
N LYS C 38 -17.07 -28.86 -10.48
CA LYS C 38 -16.32 -29.74 -11.38
C LYS C 38 -14.80 -29.56 -11.34
N LEU C 39 -14.25 -28.77 -10.43
CA LEU C 39 -12.79 -28.74 -10.30
C LEU C 39 -12.37 -29.19 -8.91
N GLU C 40 -11.26 -29.93 -8.86
CA GLU C 40 -10.68 -30.39 -7.61
C GLU C 40 -9.68 -29.34 -7.14
N LEU C 41 -10.06 -28.56 -6.14
CA LEU C 41 -9.11 -27.60 -5.57
C LEU C 41 -8.19 -28.29 -4.59
N LYS C 42 -6.91 -27.94 -4.63
CA LYS C 42 -5.92 -28.53 -3.75
C LYS C 42 -5.19 -27.43 -2.99
N GLY C 43 -4.75 -27.77 -1.78
CA GLY C 43 -3.93 -26.88 -0.99
C GLY C 43 -3.20 -27.66 0.06
N THR C 44 -2.49 -26.93 0.91
CA THR C 44 -1.85 -27.53 2.08
C THR C 44 -2.13 -26.63 3.28
N SER C 45 -1.94 -27.17 4.48
CA SER C 45 -2.14 -26.38 5.67
C SER C 45 -1.42 -27.03 6.84
N ASP C 46 -1.18 -26.22 7.88
CA ASP C 46 -0.61 -26.75 9.12
C ASP C 46 -1.68 -27.42 10.00
N LYS C 47 -2.92 -26.93 9.96
CA LYS C 47 -4.01 -27.59 10.66
C LYS C 47 -4.47 -28.82 9.89
N ASN C 48 -5.00 -29.79 10.63
CA ASN C 48 -5.75 -30.90 10.03
C ASN C 48 -7.23 -30.78 10.38
N ASN C 49 -7.66 -29.54 10.61
N ASN C 49 -7.73 -29.56 10.64
CA ASN C 49 -9.04 -29.18 10.93
CA ASN C 49 -9.15 -29.43 10.91
C ASN C 49 -9.94 -29.22 9.70
C ASN C 49 -9.98 -29.37 9.63
N GLY C 50 -9.37 -28.91 8.53
CA GLY C 50 -10.11 -28.67 7.32
C GLY C 50 -10.10 -27.21 6.91
N SER C 51 -9.51 -26.33 7.72
CA SER C 51 -9.33 -24.93 7.33
C SER C 51 -8.07 -24.76 6.51
N GLY C 52 -8.05 -23.68 5.71
CA GLY C 52 -6.91 -23.31 4.89
C GLY C 52 -7.34 -22.74 3.55
N VAL C 53 -6.39 -22.67 2.63
CA VAL C 53 -6.56 -22.08 1.30
C VAL C 53 -6.32 -23.17 0.27
N LEU C 54 -7.23 -23.31 -0.69
CA LEU C 54 -7.11 -24.24 -1.81
C LEU C 54 -7.32 -23.50 -3.13
N GLU C 55 -6.63 -23.95 -4.18
CA GLU C 55 -6.64 -23.25 -5.46
C GLU C 55 -6.70 -24.22 -6.64
N GLY C 56 -7.07 -23.69 -7.81
CA GLY C 56 -7.16 -24.44 -9.04
C GLY C 56 -7.15 -23.50 -10.24
N VAL C 57 -7.26 -24.11 -11.43
CA VAL C 57 -7.35 -23.39 -12.69
C VAL C 57 -8.47 -24.00 -13.53
N LYS C 58 -9.37 -23.16 -14.03
CA LYS C 58 -10.48 -23.63 -14.87
C LYS C 58 -10.00 -23.81 -16.31
N ALA C 59 -10.86 -24.47 -17.11
CA ALA C 59 -10.54 -24.69 -18.52
C ALA C 59 -10.46 -23.39 -19.30
N ASP C 60 -11.07 -22.32 -18.81
CA ASP C 60 -10.98 -21.03 -19.50
C ASP C 60 -9.79 -20.20 -19.04
N LYS C 61 -8.93 -20.73 -18.17
CA LYS C 61 -7.67 -20.20 -17.62
C LYS C 61 -7.89 -19.39 -16.35
N SER C 62 -9.13 -19.22 -15.89
CA SER C 62 -9.39 -18.55 -14.63
C SER C 62 -8.72 -19.29 -13.47
N LYS C 63 -8.32 -18.51 -12.46
CA LYS C 63 -7.76 -19.09 -11.24
C LYS C 63 -8.81 -19.01 -10.14
N VAL C 64 -8.99 -20.12 -9.43
CA VAL C 64 -10.01 -20.25 -8.39
C VAL C 64 -9.31 -20.40 -7.05
N LYS C 65 -9.88 -19.77 -6.03
CA LYS C 65 -9.33 -19.85 -4.68
C LYS C 65 -10.46 -20.01 -3.67
N LEU C 66 -10.33 -20.97 -2.78
CA LEU C 66 -11.30 -21.25 -1.74
C LEU C 66 -10.60 -21.09 -0.40
N THR C 67 -11.13 -20.21 0.44
CA THR C 67 -10.61 -20.02 1.78
C THR C 67 -11.65 -20.51 2.77
N ILE C 68 -11.22 -21.36 3.70
CA ILE C 68 -12.08 -21.93 4.72
C ILE C 68 -11.63 -21.37 6.06
N SER C 69 -12.54 -20.72 6.77
CA SER C 69 -12.22 -20.10 8.06
C SER C 69 -11.66 -21.14 9.02
N ASP C 70 -10.86 -20.67 9.98
CA ASP C 70 -10.24 -21.59 10.94
C ASP C 70 -11.28 -22.36 11.73
N ASP C 71 -12.49 -21.82 11.84
CA ASP C 71 -13.62 -22.31 12.60
C ASP C 71 -14.49 -23.27 11.80
N LEU C 72 -14.25 -23.37 10.50
CA LEU C 72 -15.14 -24.07 9.58
C LEU C 72 -16.54 -23.45 9.60
N GLY C 73 -16.60 -22.13 9.76
CA GLY C 73 -17.86 -21.44 9.86
C GLY C 73 -18.11 -20.47 8.72
N GLN C 74 -17.16 -20.35 7.80
CA GLN C 74 -17.28 -19.39 6.71
C GLN C 74 -16.33 -19.79 5.59
N THR C 75 -16.83 -19.97 4.38
CA THR C 75 -15.96 -20.19 3.25
C THR C 75 -16.04 -18.98 2.33
N THR C 76 -14.96 -18.76 1.59
CA THR C 76 -14.88 -17.71 0.58
C THR C 76 -14.36 -18.33 -0.71
N LEU C 77 -15.12 -18.19 -1.77
CA LEU C 77 -14.80 -18.80 -3.06
C LEU C 77 -14.60 -17.69 -4.06
N GLU C 78 -13.38 -17.54 -4.58
CA GLU C 78 -13.08 -16.46 -5.50
C GLU C 78 -12.60 -16.99 -6.85
N VAL C 79 -12.97 -16.27 -7.90
CA VAL C 79 -12.55 -16.55 -9.27
C VAL C 79 -11.86 -15.31 -9.83
N PHE C 80 -10.60 -15.47 -10.25
CA PHE C 80 -9.81 -14.40 -10.87
C PHE C 80 -9.54 -14.70 -12.33
N LYS C 81 -9.08 -13.69 -13.05
CA LYS C 81 -8.61 -13.89 -14.42
C LYS C 81 -7.23 -14.57 -14.39
N GLU C 82 -6.67 -14.79 -15.58
CA GLU C 82 -5.36 -15.43 -15.71
C GLU C 82 -4.31 -14.85 -14.76
N ASP C 83 -4.39 -13.54 -14.49
CA ASP C 83 -3.30 -12.94 -13.71
C ASP C 83 -3.33 -13.29 -12.24
N GLY C 84 -4.35 -14.02 -11.78
CA GLY C 84 -4.48 -14.33 -10.38
C GLY C 84 -4.82 -13.17 -9.47
N LYS C 85 -5.11 -11.99 -10.04
CA LYS C 85 -5.35 -10.82 -9.19
C LYS C 85 -6.64 -10.07 -9.52
N THR C 86 -6.99 -9.95 -10.80
CA THR C 86 -8.22 -9.27 -11.17
C THR C 86 -9.43 -10.14 -10.84
N LEU C 87 -10.31 -9.63 -9.99
CA LEU C 87 -11.44 -10.41 -9.49
C LEU C 87 -12.56 -10.51 -10.53
N VAL C 88 -13.07 -11.72 -10.73
CA VAL C 88 -14.23 -11.97 -11.57
C VAL C 88 -15.48 -12.24 -10.74
N SER C 89 -15.32 -12.91 -9.60
CA SER C 89 -16.45 -13.45 -8.87
C SER C 89 -16.00 -13.81 -7.46
N LYS C 90 -16.85 -13.52 -6.47
CA LYS C 90 -16.56 -13.86 -5.09
C LYS C 90 -17.85 -14.28 -4.40
N LYS C 91 -17.78 -15.32 -3.58
CA LYS C 91 -18.94 -15.83 -2.85
C LYS C 91 -18.54 -16.19 -1.41
N VAL C 92 -19.23 -15.60 -0.45
CA VAL C 92 -19.01 -15.81 0.98
C VAL C 92 -20.21 -16.57 1.54
N THR C 93 -19.97 -17.74 2.15
CA THR C 93 -21.04 -18.56 2.71
C THR C 93 -20.77 -18.89 4.17
N SER C 94 -21.81 -18.81 4.99
CA SER C 94 -21.72 -19.05 6.43
C SER C 94 -22.34 -20.39 6.79
N LYS C 95 -22.10 -20.79 8.04
CA LYS C 95 -22.68 -22.03 8.57
C LYS C 95 -24.20 -22.00 8.58
N ASP C 96 -24.80 -20.82 8.75
CA ASP C 96 -26.25 -20.68 8.78
C ASP C 96 -26.90 -20.75 7.38
N LYS C 97 -26.14 -21.14 6.35
CA LYS C 97 -26.62 -21.29 4.97
C LYS C 97 -26.82 -19.94 4.27
N SER C 98 -26.72 -18.84 5.01
CA SER C 98 -26.70 -17.52 4.37
C SER C 98 -25.45 -17.39 3.49
N SER C 99 -25.56 -16.59 2.43
CA SER C 99 -24.42 -16.36 1.54
C SER C 99 -24.60 -15.07 0.77
N THR C 100 -23.51 -14.59 0.18
CA THR C 100 -23.52 -13.43 -0.72
C THR C 100 -22.56 -13.68 -1.87
N GLU C 101 -23.05 -13.59 -3.10
CA GLU C 101 -22.22 -13.80 -4.28
C GLU C 101 -22.25 -12.56 -5.18
N GLU C 102 -21.08 -12.17 -5.70
CA GLU C 102 -21.00 -11.01 -6.57
C GLU C 102 -20.12 -11.28 -7.80
N LYS C 103 -20.40 -10.54 -8.86
CA LYS C 103 -19.61 -10.51 -10.09
C LYS C 103 -19.14 -9.08 -10.34
N PHE C 104 -17.92 -8.94 -10.86
CA PHE C 104 -17.31 -7.63 -11.09
C PHE C 104 -16.84 -7.49 -12.54
N ASN C 105 -16.78 -6.23 -12.99
CA ASN C 105 -16.35 -5.89 -14.34
C ASN C 105 -14.88 -5.48 -14.36
N GLU C 106 -14.46 -4.92 -15.50
CA GLU C 106 -13.08 -4.53 -15.75
C GLU C 106 -12.56 -3.57 -14.69
N LYS C 107 -13.43 -2.67 -14.22
CA LYS C 107 -13.02 -1.58 -13.35
C LYS C 107 -13.14 -1.94 -11.88
N GLY C 108 -13.52 -3.18 -11.57
CA GLY C 108 -13.76 -3.57 -10.20
C GLY C 108 -15.16 -3.27 -9.67
N GLU C 109 -16.07 -2.82 -10.51
CA GLU C 109 -17.42 -2.48 -10.06
C GLU C 109 -18.31 -3.71 -10.09
N VAL C 110 -19.30 -3.71 -9.19
CA VAL C 110 -20.20 -4.85 -9.04
C VAL C 110 -21.22 -4.82 -10.16
N SER C 111 -21.29 -5.92 -10.93
CA SER C 111 -22.20 -6.03 -12.05
C SER C 111 -23.31 -7.01 -11.80
N GLU C 112 -23.23 -7.76 -10.71
CA GLU C 112 -24.27 -8.70 -10.33
C GLU C 112 -24.08 -9.02 -8.86
N LYS C 113 -25.19 -9.14 -8.14
CA LYS C 113 -25.18 -9.51 -6.73
C LYS C 113 -26.33 -10.45 -6.42
N ILE C 114 -26.02 -11.61 -5.84
CA ILE C 114 -27.01 -12.56 -5.36
C ILE C 114 -26.91 -12.61 -3.84
N ILE C 115 -28.02 -12.32 -3.15
CA ILE C 115 -28.09 -12.41 -1.70
C ILE C 115 -28.98 -13.59 -1.35
N THR C 116 -28.42 -14.55 -0.61
CA THR C 116 -29.20 -15.69 -0.13
C THR C 116 -29.29 -15.60 1.39
N ARG C 117 -30.52 -15.60 1.89
CA ARG C 117 -30.81 -15.57 3.31
C ARG C 117 -30.76 -16.98 3.90
N ALA C 118 -30.83 -17.05 5.23
CA ALA C 118 -30.78 -18.33 5.91
C ALA C 118 -31.96 -19.21 5.52
N ASP C 119 -33.15 -18.62 5.38
CA ASP C 119 -34.34 -19.41 5.10
C ASP C 119 -34.30 -20.02 3.71
N GLY C 120 -33.56 -19.40 2.79
CA GLY C 120 -33.47 -19.86 1.41
C GLY C 120 -34.01 -18.89 0.39
N THR C 121 -34.78 -17.89 0.80
CA THR C 121 -35.19 -16.85 -0.13
C THR C 121 -33.95 -16.09 -0.64
N ARG C 122 -34.09 -15.44 -1.79
CA ARG C 122 -32.98 -14.69 -2.36
C ARG C 122 -33.45 -13.38 -2.98
N LEU C 123 -32.54 -12.40 -2.96
CA LEU C 123 -32.59 -11.20 -3.78
C LEU C 123 -31.54 -11.30 -4.87
N GLU C 124 -31.95 -11.14 -6.13
CA GLU C 124 -31.05 -11.33 -7.26
C GLU C 124 -31.00 -10.07 -8.11
N TYR C 125 -29.81 -9.48 -8.23
CA TYR C 125 -29.58 -8.25 -8.98
C TYR C 125 -28.66 -8.54 -10.16
N THR C 126 -29.19 -8.44 -11.38
CA THR C 126 -28.43 -8.78 -12.57
C THR C 126 -28.35 -7.60 -13.53
N GLY C 127 -27.28 -7.59 -14.33
CA GLY C 127 -27.10 -6.56 -15.33
C GLY C 127 -26.90 -5.18 -14.76
N ILE C 128 -26.31 -5.07 -13.57
CA ILE C 128 -26.10 -3.77 -12.96
C ILE C 128 -25.22 -2.92 -13.86
N LYS C 129 -25.62 -1.67 -14.06
CA LYS C 129 -24.91 -0.72 -14.91
C LYS C 129 -24.27 0.37 -14.05
N SER C 130 -23.38 1.15 -14.68
CA SER C 130 -22.61 2.15 -13.95
C SER C 130 -23.50 3.20 -13.31
N ASP C 131 -24.66 3.46 -13.90
CA ASP C 131 -25.63 4.39 -13.33
C ASP C 131 -26.40 3.81 -12.15
N GLY C 132 -26.19 2.54 -11.82
CA GLY C 132 -26.82 1.93 -10.65
C GLY C 132 -28.11 1.20 -10.91
N SER C 133 -28.56 1.11 -12.16
CA SER C 133 -29.78 0.40 -12.53
C SER C 133 -29.47 -1.01 -13.04
N GLY C 134 -30.47 -1.87 -12.93
CA GLY C 134 -30.34 -3.24 -13.42
C GLY C 134 -31.62 -3.98 -13.11
N LYS C 135 -31.69 -5.21 -13.60
CA LYS C 135 -32.88 -6.03 -13.33
C LYS C 135 -32.82 -6.57 -11.90
N ALA C 136 -34.00 -6.77 -11.32
CA ALA C 136 -34.11 -7.24 -9.95
C ALA C 136 -35.14 -8.36 -9.84
N LYS C 137 -34.96 -9.20 -8.82
CA LYS C 137 -35.74 -10.42 -8.68
C LYS C 137 -35.61 -10.91 -7.24
N GLU C 138 -36.73 -11.07 -6.54
CA GLU C 138 -36.74 -11.65 -5.21
C GLU C 138 -37.39 -13.02 -5.28
N VAL C 139 -36.68 -14.06 -4.85
CA VAL C 139 -37.12 -15.44 -4.97
C VAL C 139 -37.65 -15.88 -3.61
N LEU C 140 -38.96 -16.04 -3.49
CA LEU C 140 -39.60 -16.45 -2.25
C LEU C 140 -40.05 -17.89 -2.34
N LYS C 141 -40.54 -18.41 -1.22
CA LYS C 141 -41.07 -19.76 -1.21
C LYS C 141 -42.39 -19.77 -1.96
N GLY C 142 -42.39 -20.33 -3.17
CA GLY C 142 -43.60 -20.54 -3.93
C GLY C 142 -43.79 -19.60 -5.09
N TYR C 143 -42.98 -18.55 -5.21
CA TYR C 143 -43.17 -17.58 -6.29
C TYR C 143 -41.96 -16.67 -6.36
N VAL C 144 -41.89 -15.94 -7.47
CA VAL C 144 -40.79 -15.02 -7.74
C VAL C 144 -41.39 -13.66 -8.05
N LEU C 145 -40.89 -12.62 -7.38
CA LEU C 145 -41.24 -11.24 -7.68
C LEU C 145 -40.14 -10.61 -8.51
N GLU C 146 -40.50 -10.09 -9.68
CA GLU C 146 -39.55 -9.53 -10.64
C GLU C 146 -39.70 -8.02 -10.68
N GLY C 147 -38.59 -7.32 -10.86
CA GLY C 147 -38.64 -5.88 -10.99
C GLY C 147 -37.34 -5.24 -11.44
N THR C 148 -37.07 -4.05 -10.94
CA THR C 148 -35.88 -3.31 -11.34
C THR C 148 -35.21 -2.74 -10.10
N LEU C 149 -33.89 -2.65 -10.19
CA LEU C 149 -33.09 -1.91 -9.23
C LEU C 149 -32.70 -0.57 -9.85
N THR C 150 -32.67 0.45 -9.02
CA THR C 150 -32.18 1.76 -9.44
C THR C 150 -31.40 2.35 -8.29
N ALA C 151 -30.57 3.35 -8.60
CA ALA C 151 -29.75 3.99 -7.59
C ALA C 151 -30.58 4.44 -6.38
N GLU C 152 -31.85 4.77 -6.58
CA GLU C 152 -32.66 5.15 -5.43
C GLU C 152 -33.28 3.95 -4.72
N LYS C 153 -33.71 2.91 -5.45
CA LYS C 153 -34.45 1.83 -4.80
C LYS C 153 -34.56 0.58 -5.67
N THR C 154 -34.94 -0.51 -5.01
CA THR C 154 -35.36 -1.74 -5.68
C THR C 154 -36.89 -1.78 -5.68
N THR C 155 -37.48 -2.06 -6.84
CA THR C 155 -38.94 -2.10 -6.98
C THR C 155 -39.33 -3.40 -7.66
N LEU C 156 -40.20 -4.17 -7.01
CA LEU C 156 -40.75 -5.40 -7.56
C LEU C 156 -42.25 -5.23 -7.77
N VAL C 157 -42.77 -5.79 -8.86
CA VAL C 157 -44.08 -5.42 -9.38
C VAL C 157 -44.90 -6.67 -9.70
N VAL C 158 -46.17 -6.66 -9.30
CA VAL C 158 -47.12 -7.71 -9.66
C VAL C 158 -48.34 -7.06 -10.28
N LYS C 159 -48.76 -7.58 -11.44
CA LYS C 159 -49.84 -6.99 -12.23
C LYS C 159 -50.97 -7.99 -12.35
N GLU C 160 -52.19 -7.55 -12.06
CA GLU C 160 -53.39 -8.30 -12.37
C GLU C 160 -54.41 -7.32 -12.93
N GLY C 161 -54.69 -7.44 -14.23
CA GLY C 161 -55.55 -6.45 -14.88
C GLY C 161 -55.01 -5.04 -14.68
N THR C 162 -55.90 -4.15 -14.23
CA THR C 162 -55.56 -2.73 -14.09
C THR C 162 -54.72 -2.44 -12.84
N VAL C 163 -54.50 -3.41 -11.96
CA VAL C 163 -53.98 -3.16 -10.62
C VAL C 163 -52.51 -3.59 -10.57
N THR C 164 -51.64 -2.66 -10.17
CA THR C 164 -50.21 -2.93 -10.04
C THR C 164 -49.77 -2.72 -8.59
N LEU C 165 -49.17 -3.77 -8.01
CA LEU C 165 -48.66 -3.76 -6.66
C LEU C 165 -47.14 -3.70 -6.70
N SER C 166 -46.55 -2.71 -6.03
CA SER C 166 -45.10 -2.53 -6.07
C SER C 166 -44.53 -2.68 -4.67
N LYS C 167 -43.51 -3.54 -4.54
CA LYS C 167 -42.75 -3.69 -3.31
C LYS C 167 -41.45 -2.92 -3.47
N ASN C 168 -41.30 -1.82 -2.73
CA ASN C 168 -40.11 -0.98 -2.76
C ASN C 168 -39.10 -1.43 -1.71
N ILE C 169 -37.81 -1.32 -2.03
CA ILE C 169 -36.72 -1.57 -1.10
C ILE C 169 -35.74 -0.41 -1.24
N SER C 170 -35.63 0.41 -0.21
CA SER C 170 -34.69 1.53 -0.20
C SER C 170 -33.25 1.03 -0.15
N LYS C 171 -32.31 1.97 -0.17
CA LYS C 171 -30.92 1.60 0.05
C LYS C 171 -30.68 1.18 1.50
N SER C 172 -31.45 1.75 2.43
CA SER C 172 -31.39 1.29 3.82
C SER C 172 -31.91 -0.13 3.95
N GLY C 173 -32.97 -0.46 3.21
CA GLY C 173 -33.48 -1.80 3.16
C GLY C 173 -34.80 -2.06 3.86
N GLU C 174 -35.56 -1.02 4.22
CA GLU C 174 -36.90 -1.25 4.76
C GLU C 174 -37.94 -1.18 3.64
N VAL C 175 -38.86 -2.13 3.66
CA VAL C 175 -39.78 -2.31 2.55
C VAL C 175 -40.92 -1.29 2.65
N SER C 176 -41.40 -0.88 1.48
CA SER C 176 -42.50 0.06 1.32
C SER C 176 -43.34 -0.43 0.15
N VAL C 177 -44.65 -0.57 0.34
CA VAL C 177 -45.51 -1.15 -0.69
C VAL C 177 -46.56 -0.13 -1.10
N GLU C 178 -46.74 0.03 -2.40
CA GLU C 178 -47.78 0.87 -2.97
C GLU C 178 -48.63 0.03 -3.90
N LEU C 179 -49.79 0.59 -4.26
CA LEU C 179 -50.67 -0.01 -5.24
C LEU C 179 -51.24 1.12 -6.07
N ASN C 180 -51.33 0.90 -7.38
CA ASN C 180 -51.97 1.85 -8.27
C ASN C 180 -52.91 1.10 -9.20
N ASP C 181 -54.11 1.64 -9.37
CA ASP C 181 -55.15 1.07 -10.22
C ASP C 181 -55.32 1.96 -11.44
N THR C 182 -55.36 1.35 -12.62
CA THR C 182 -55.62 2.06 -13.87
C THR C 182 -57.12 2.25 -14.12
N ASP C 183 -57.94 1.36 -13.57
CA ASP C 183 -59.39 1.52 -13.57
C ASP C 183 -59.78 2.89 -13.03
N SER C 184 -60.55 3.64 -13.81
CA SER C 184 -60.94 4.99 -13.43
C SER C 184 -62.38 5.08 -12.97
N SER C 185 -63.03 3.95 -12.72
CA SER C 185 -64.40 3.94 -12.22
C SER C 185 -64.35 4.03 -10.69
N ALA C 186 -64.91 5.11 -10.14
CA ALA C 186 -64.83 5.36 -8.70
C ALA C 186 -65.43 4.23 -7.86
N ALA C 187 -66.30 3.41 -8.46
CA ALA C 187 -66.99 2.38 -7.71
C ALA C 187 -66.14 1.14 -7.50
N THR C 188 -65.19 0.89 -8.39
CA THR C 188 -64.40 -0.35 -8.39
C THR C 188 -62.89 -0.10 -8.33
N LYS C 189 -62.45 1.16 -8.35
CA LYS C 189 -61.03 1.46 -8.26
C LYS C 189 -60.47 1.06 -6.89
N LYS C 190 -59.39 0.29 -6.89
CA LYS C 190 -58.71 -0.09 -5.67
C LYS C 190 -57.62 0.91 -5.32
N THR C 191 -57.63 1.36 -4.06
CA THR C 191 -56.59 2.22 -3.51
C THR C 191 -55.99 1.52 -2.30
N ALA C 192 -54.83 2.00 -1.85
CA ALA C 192 -54.15 1.32 -0.76
C ALA C 192 -53.45 2.32 0.14
N ALA C 193 -53.46 2.04 1.45
CA ALA C 193 -52.70 2.79 2.44
C ALA C 193 -51.65 1.88 3.07
N TRP C 194 -50.47 2.44 3.33
CA TRP C 194 -49.34 1.68 3.87
C TRP C 194 -49.02 2.15 5.28
N ASN C 195 -49.02 1.21 6.22
CA ASN C 195 -48.55 1.49 7.57
C ASN C 195 -47.21 0.80 7.76
N SER C 196 -46.16 1.61 7.94
CA SER C 196 -44.83 1.06 8.15
C SER C 196 -44.68 0.40 9.51
N GLY C 197 -45.34 0.96 10.53
CA GLY C 197 -45.23 0.44 11.88
C GLY C 197 -45.63 -1.01 12.00
N THR C 198 -46.47 -1.50 11.09
CA THR C 198 -46.95 -2.87 11.10
C THR C 198 -46.70 -3.61 9.80
N SER C 199 -46.04 -2.98 8.81
CA SER C 199 -45.76 -3.58 7.51
C SER C 199 -47.03 -4.16 6.88
N THR C 200 -48.08 -3.35 6.86
CA THR C 200 -49.38 -3.76 6.33
C THR C 200 -49.85 -2.75 5.29
N LEU C 201 -50.33 -3.28 4.17
CA LEU C 201 -51.01 -2.49 3.16
C LEU C 201 -52.50 -2.80 3.26
N THR C 202 -53.32 -1.76 3.42
CA THR C 202 -54.76 -1.91 3.48
C THR C 202 -55.35 -1.46 2.14
N ILE C 203 -56.15 -2.33 1.54
CA ILE C 203 -56.74 -2.07 0.23
C ILE C 203 -58.18 -1.64 0.43
N THR C 204 -58.57 -0.57 -0.26
CA THR C 204 -59.92 -0.03 -0.17
C THR C 204 -60.57 -0.05 -1.54
N VAL C 205 -61.87 -0.35 -1.58
CA VAL C 205 -62.68 -0.23 -2.79
C VAL C 205 -64.00 0.41 -2.38
N ASN C 206 -64.40 1.47 -3.08
CA ASN C 206 -65.69 2.10 -2.82
C ASN C 206 -65.77 2.60 -1.37
N SER C 207 -64.66 3.18 -0.89
CA SER C 207 -64.56 3.72 0.47
C SER C 207 -64.97 2.69 1.52
N LYS C 208 -64.52 1.46 1.33
CA LYS C 208 -64.62 0.41 2.33
C LYS C 208 -63.36 -0.42 2.26
N LYS C 209 -62.69 -0.62 3.40
CA LYS C 209 -61.51 -1.49 3.42
C LYS C 209 -61.92 -2.92 3.09
N THR C 210 -61.11 -3.59 2.27
CA THR C 210 -61.47 -4.94 1.83
C THR C 210 -60.50 -6.02 2.26
N LYS C 211 -59.18 -5.78 2.18
CA LYS C 211 -58.18 -6.77 2.60
C LYS C 211 -57.02 -6.07 3.30
N ASP C 212 -56.28 -6.86 4.08
CA ASP C 212 -55.00 -6.47 4.63
C ASP C 212 -53.93 -7.40 4.08
N LEU C 213 -52.87 -6.85 3.53
CA LEU C 213 -51.70 -7.64 3.10
C LEU C 213 -50.55 -7.33 4.04
N VAL C 214 -50.11 -8.33 4.78
CA VAL C 214 -49.01 -8.18 5.73
C VAL C 214 -47.74 -8.75 5.11
N PHE C 215 -46.68 -7.96 5.11
CA PHE C 215 -45.39 -8.38 4.57
C PHE C 215 -44.50 -8.65 5.77
N THR C 216 -44.32 -9.92 6.09
CA THR C 216 -43.81 -10.31 7.39
C THR C 216 -42.28 -10.29 7.41
N LYS C 217 -41.73 -10.36 8.62
CA LYS C 217 -40.28 -10.38 8.76
C LYS C 217 -39.66 -11.69 8.29
N GLU C 218 -40.47 -12.70 8.00
CA GLU C 218 -39.99 -13.97 7.50
C GLU C 218 -40.03 -14.05 5.99
N ASN C 219 -40.22 -12.91 5.31
CA ASN C 219 -40.26 -12.83 3.85
C ASN C 219 -41.44 -13.60 3.28
N THR C 220 -42.57 -13.61 4.01
CA THR C 220 -43.81 -14.16 3.50
C THR C 220 -44.86 -13.06 3.49
N ILE C 221 -45.94 -13.34 2.79
CA ILE C 221 -47.07 -12.44 2.67
C ILE C 221 -48.32 -13.15 3.16
N THR C 222 -49.15 -12.46 3.94
CA THR C 222 -50.42 -12.99 4.39
C THR C 222 -51.55 -12.07 3.94
N VAL C 223 -52.73 -12.65 3.76
CA VAL C 223 -53.90 -11.91 3.30
C VAL C 223 -55.06 -12.21 4.24
N GLN C 224 -55.86 -11.18 4.52
CA GLN C 224 -57.01 -11.28 5.41
C GLN C 224 -58.05 -10.27 4.93
N GLN C 225 -59.31 -10.70 4.89
CA GLN C 225 -60.40 -9.87 4.38
C GLN C 225 -61.15 -9.19 5.50
N TYR C 226 -61.63 -7.98 5.21
CA TYR C 226 -62.55 -7.30 6.11
C TYR C 226 -63.96 -7.88 5.96
N ASP C 227 -64.83 -7.56 6.91
CA ASP C 227 -66.23 -7.88 6.73
C ASP C 227 -66.83 -6.96 5.68
N SER C 228 -68.09 -7.22 5.31
CA SER C 228 -68.71 -6.55 4.19
C SER C 228 -68.92 -5.05 4.42
N ASN C 229 -68.76 -4.55 5.64
CA ASN C 229 -68.90 -3.13 5.92
C ASN C 229 -67.56 -2.41 6.04
N GLY C 230 -66.44 -3.14 5.93
CA GLY C 230 -65.12 -2.52 5.93
C GLY C 230 -64.66 -1.96 7.27
N THR C 231 -65.09 -2.56 8.39
CA THR C 231 -64.80 -2.05 9.73
C THR C 231 -63.81 -2.92 10.49
N LYS C 232 -64.12 -4.20 10.71
CA LYS C 232 -63.21 -5.10 11.43
C LYS C 232 -62.80 -6.26 10.53
N LEU C 233 -61.65 -6.85 10.82
CA LEU C 233 -61.18 -7.98 10.02
C LEU C 233 -61.89 -9.27 10.44
N GLU C 234 -61.82 -10.26 9.56
CA GLU C 234 -62.66 -11.45 9.66
C GLU C 234 -61.79 -12.71 9.71
N GLY C 235 -61.98 -13.50 10.77
CA GLY C 235 -61.42 -14.84 10.79
C GLY C 235 -59.90 -14.84 10.83
N SER C 236 -59.32 -15.78 10.09
CA SER C 236 -57.88 -16.00 10.10
C SER C 236 -57.25 -15.42 8.84
N ALA C 237 -55.95 -15.13 8.94
CA ALA C 237 -55.17 -14.61 7.82
C ALA C 237 -54.39 -15.76 7.17
N VAL C 238 -54.49 -15.87 5.85
CA VAL C 238 -53.90 -16.95 5.08
C VAL C 238 -52.51 -16.54 4.62
N GLU C 239 -51.56 -17.47 4.66
CA GLU C 239 -50.23 -17.24 4.11
C GLU C 239 -50.23 -17.51 2.62
N ILE C 240 -49.75 -16.54 1.85
CA ILE C 240 -49.70 -16.67 0.39
C ILE C 240 -48.62 -17.69 -0.01
N THR C 241 -48.97 -18.56 -0.96
CA THR C 241 -48.07 -19.63 -1.41
C THR C 241 -47.77 -19.62 -2.91
N LYS C 242 -48.52 -18.88 -3.73
CA LYS C 242 -48.39 -18.93 -5.18
C LYS C 242 -48.57 -17.53 -5.72
N LEU C 243 -47.97 -17.28 -6.88
CA LEU C 243 -48.17 -16.00 -7.55
C LEU C 243 -49.67 -15.76 -7.84
N ASP C 244 -50.36 -16.80 -8.30
CA ASP C 244 -51.82 -16.74 -8.52
C ASP C 244 -52.56 -16.08 -7.37
N GLU C 245 -52.20 -16.44 -6.13
CA GLU C 245 -52.95 -15.96 -4.97
C GLU C 245 -52.70 -14.48 -4.71
N ILE C 246 -51.51 -13.97 -5.01
CA ILE C 246 -51.33 -12.53 -4.93
C ILE C 246 -52.17 -11.84 -5.99
N LYS C 247 -52.29 -12.47 -7.16
CA LYS C 247 -53.11 -11.88 -8.21
C LYS C 247 -54.60 -11.92 -7.85
N ASN C 248 -55.07 -13.02 -7.26
CA ASN C 248 -56.45 -13.04 -6.77
C ASN C 248 -56.70 -11.91 -5.81
N ALA C 249 -55.76 -11.65 -4.91
CA ALA C 249 -55.97 -10.61 -3.91
C ALA C 249 -56.06 -9.22 -4.53
N LEU C 250 -55.55 -9.03 -5.75
CA LEU C 250 -55.61 -7.74 -6.43
C LEU C 250 -56.83 -7.60 -7.36
N LYS C 251 -57.56 -8.68 -7.61
CA LYS C 251 -58.74 -8.67 -8.48
C LYS C 251 -59.84 -7.77 -7.94
C1 EDO D . 37.06 0.98 6.76
O1 EDO D . 36.19 -0.07 6.34
C2 EDO D . 36.35 2.32 6.57
O2 EDO D . 37.19 3.44 6.85
C1 EDO E . 29.46 18.21 4.55
O1 EDO E . 30.34 17.19 5.08
C2 EDO E . 28.09 17.64 4.22
O2 EDO E . 27.41 17.23 5.41
CL CL F . -5.85 8.60 0.78
CL CL G . 44.24 16.17 -13.91
CL CL H . 44.13 11.05 11.74
CL CL I . 19.39 16.98 3.85
C1 EDO J . 11.89 -10.68 -2.93
O1 EDO J . 12.32 -9.71 -3.90
C2 EDO J . 13.07 -11.14 -2.08
O2 EDO J . 13.64 -10.06 -1.33
CL CL K . -14.87 6.85 -4.95
C1 EDO L . -13.52 -34.61 -2.57
O1 EDO L . -12.80 -33.80 -3.50
C2 EDO L . -14.02 -33.74 -1.43
O2 EDO L . -14.67 -32.60 -2.00
C1 EDO M . -9.40 -15.78 -18.49
O1 EDO M . -8.62 -14.88 -17.70
C2 EDO M . -10.88 -15.55 -18.19
O2 EDO M . -11.09 -15.74 -16.79
C1 EDO N . -17.45 -31.67 -2.11
O1 EDO N . -18.14 -30.45 -2.31
C2 EDO N . -17.96 -32.73 -3.06
O2 EDO N . -17.18 -33.92 -2.83
CL CL O . -36.88 -20.63 -2.27
CL CL P . -43.65 -10.49 -10.31
#